data_2Z17
# 
_entry.id   2Z17 
# 
_audit_conform.dict_name       mmcif_pdbx.dic 
_audit_conform.dict_version    5.388 
_audit_conform.dict_location   http://mmcif.pdb.org/dictionaries/ascii/mmcif_pdbx.dic 
# 
loop_
_database_2.database_id 
_database_2.database_code 
_database_2.pdbx_database_accession 
_database_2.pdbx_DOI 
PDB   2Z17         pdb_00002z17 10.2210/pdb2z17/pdb 
RCSB  RCSB027391   ?            ?                   
WWPDB D_1000027391 ?            ?                   
# 
loop_
_pdbx_audit_revision_history.ordinal 
_pdbx_audit_revision_history.data_content_type 
_pdbx_audit_revision_history.major_revision 
_pdbx_audit_revision_history.minor_revision 
_pdbx_audit_revision_history.revision_date 
1 'Structure model' 1 0 2008-05-13 
2 'Structure model' 1 1 2011-07-13 
3 'Structure model' 1 2 2020-09-09 
4 'Structure model' 1 3 2024-03-13 
# 
_pdbx_audit_revision_details.ordinal             1 
_pdbx_audit_revision_details.revision_ordinal    1 
_pdbx_audit_revision_details.data_content_type   'Structure model' 
_pdbx_audit_revision_details.provider            repository 
_pdbx_audit_revision_details.type                'Initial release' 
_pdbx_audit_revision_details.description         ? 
_pdbx_audit_revision_details.details             ? 
# 
loop_
_pdbx_audit_revision_group.ordinal 
_pdbx_audit_revision_group.revision_ordinal 
_pdbx_audit_revision_group.data_content_type 
_pdbx_audit_revision_group.group 
1 2 'Structure model' 'Version format compliance' 
2 3 'Structure model' 'Database references'       
3 3 'Structure model' 'Structure summary'         
4 4 'Structure model' 'Data collection'           
5 4 'Structure model' 'Database references'       
# 
loop_
_pdbx_audit_revision_category.ordinal 
_pdbx_audit_revision_category.revision_ordinal 
_pdbx_audit_revision_category.data_content_type 
_pdbx_audit_revision_category.category 
1 3 'Structure model' citation           
2 3 'Structure model' struct             
3 3 'Structure model' struct_ref_seq_dif 
4 4 'Structure model' chem_comp_atom     
5 4 'Structure model' chem_comp_bond     
6 4 'Structure model' database_2         
# 
loop_
_pdbx_audit_revision_item.ordinal 
_pdbx_audit_revision_item.revision_ordinal 
_pdbx_audit_revision_item.data_content_type 
_pdbx_audit_revision_item.item 
1 3 'Structure model' '_citation.title'                     
2 3 'Structure model' '_struct.title'                       
3 3 'Structure model' '_struct_ref_seq_dif.details'         
4 4 'Structure model' '_database_2.pdbx_DOI'                
5 4 'Structure model' '_database_2.pdbx_database_accession' 
# 
_pdbx_database_status.status_code                     REL 
_pdbx_database_status.entry_id                        2Z17 
_pdbx_database_status.recvd_initial_deposition_date   2007-05-08 
_pdbx_database_status.deposit_site                    PDBJ 
_pdbx_database_status.process_site                    PDBJ 
_pdbx_database_status.status_code_sf                  REL 
_pdbx_database_status.status_code_mr                  ? 
_pdbx_database_status.SG_entry                        Y 
_pdbx_database_status.pdb_format_compatible           Y 
_pdbx_database_status.status_code_cs                  ? 
_pdbx_database_status.status_code_nmr_data            ? 
_pdbx_database_status.methods_development_category    ? 
# 
_pdbx_database_related.db_name        TargetDB 
_pdbx_database_related.db_id          hsk003000395.1 
_pdbx_database_related.details        . 
_pdbx_database_related.content_type   unspecified 
# 
loop_
_audit_author.name 
_audit_author.pdbx_ordinal 
_audit_author.identifier_ORCID 
'Kishishita, S.'                                         1 ? 
'Nishino, A.'                                            2 ? 
'Murayama, K.'                                           3 ? 
'Terada, T.'                                             4 ? 
'Shirouzu, M.'                                           5 ? 
'Yokoyama, S.'                                           6 ? 
'RIKEN Structural Genomics/Proteomics Initiative (RSGI)' 7 ? 
# 
_citation.id                        primary 
_citation.title                     'Crystal structure of PDZ domain from human Pleckstrin homology, Sec7' 
_citation.journal_abbrev            'To be Published' 
_citation.journal_volume            ? 
_citation.page_first                ? 
_citation.page_last                 ? 
_citation.year                      ? 
_citation.journal_id_ASTM           ? 
_citation.country                   ? 
_citation.journal_id_ISSN           ? 
_citation.journal_id_CSD            0353 
_citation.book_publisher            ? 
_citation.pdbx_database_id_PubMed   ? 
_citation.pdbx_database_id_DOI      ? 
# 
loop_
_citation_author.citation_id 
_citation_author.name 
_citation_author.ordinal 
_citation_author.identifier_ORCID 
primary 'Kishishita, S.' 1 ? 
primary 'Nishino, A.'    2 ? 
primary 'Murayama, K.'   3 ? 
primary 'Terada, T.'     4 ? 
primary 'Shirouzu, M.'   5 ? 
primary 'Yokoyama, S.'   6 ? 
# 
loop_
_entity.id 
_entity.type 
_entity.src_method 
_entity.pdbx_description 
_entity.formula_weight 
_entity.pdbx_number_of_molecules 
_entity.pdbx_ec 
_entity.pdbx_mutation 
_entity.pdbx_fragment 
_entity.details 
1 polymer man 'Pleckstrin homology Sec7 and coiled-coil domains-binding protein' 11304.448 1  ? ? 'PDZ domain' ? 
2 water   nat water                                                              18.015    11 ? ? ?            ? 
# 
_entity_name_com.entity_id   1 
_entity_name_com.name        'Cytohesin-binding protein HE, CYBR, Cytohesin binder and regulator, Cytohesin-interacting protein' 
# 
_entity_poly.entity_id                      1 
_entity_poly.type                           'polypeptide(L)' 
_entity_poly.nstd_linkage                   no 
_entity_poly.nstd_monomer                   no 
_entity_poly.pdbx_seq_one_letter_code       
;GSSGSSGLSDFSWSQRKLVTVEKQDNETFGFEIQSYRPQNQNACSSEMFTLICKIQEDSPAHCAGLQAGDVLANINGVST
EGFTYKQVVDLIRSSGNLLTIETL
;
_entity_poly.pdbx_seq_one_letter_code_can   
;GSSGSSGLSDFSWSQRKLVTVEKQDNETFGFEIQSYRPQNQNACSSEMFTLICKIQEDSPAHCAGLQAGDVLANINGVST
EGFTYKQVVDLIRSSGNLLTIETL
;
_entity_poly.pdbx_strand_id                 A 
_entity_poly.pdbx_target_identifier         hsk003000395.1 
# 
_pdbx_entity_nonpoly.entity_id   2 
_pdbx_entity_nonpoly.name        water 
_pdbx_entity_nonpoly.comp_id     HOH 
# 
loop_
_entity_poly_seq.entity_id 
_entity_poly_seq.num 
_entity_poly_seq.mon_id 
_entity_poly_seq.hetero 
1 1   GLY n 
1 2   SER n 
1 3   SER n 
1 4   GLY n 
1 5   SER n 
1 6   SER n 
1 7   GLY n 
1 8   LEU n 
1 9   SER n 
1 10  ASP n 
1 11  PHE n 
1 12  SER n 
1 13  TRP n 
1 14  SER n 
1 15  GLN n 
1 16  ARG n 
1 17  LYS n 
1 18  LEU n 
1 19  VAL n 
1 20  THR n 
1 21  VAL n 
1 22  GLU n 
1 23  LYS n 
1 24  GLN n 
1 25  ASP n 
1 26  ASN n 
1 27  GLU n 
1 28  THR n 
1 29  PHE n 
1 30  GLY n 
1 31  PHE n 
1 32  GLU n 
1 33  ILE n 
1 34  GLN n 
1 35  SER n 
1 36  TYR n 
1 37  ARG n 
1 38  PRO n 
1 39  GLN n 
1 40  ASN n 
1 41  GLN n 
1 42  ASN n 
1 43  ALA n 
1 44  CYS n 
1 45  SER n 
1 46  SER n 
1 47  GLU n 
1 48  MET n 
1 49  PHE n 
1 50  THR n 
1 51  LEU n 
1 52  ILE n 
1 53  CYS n 
1 54  LYS n 
1 55  ILE n 
1 56  GLN n 
1 57  GLU n 
1 58  ASP n 
1 59  SER n 
1 60  PRO n 
1 61  ALA n 
1 62  HIS n 
1 63  CYS n 
1 64  ALA n 
1 65  GLY n 
1 66  LEU n 
1 67  GLN n 
1 68  ALA n 
1 69  GLY n 
1 70  ASP n 
1 71  VAL n 
1 72  LEU n 
1 73  ALA n 
1 74  ASN n 
1 75  ILE n 
1 76  ASN n 
1 77  GLY n 
1 78  VAL n 
1 79  SER n 
1 80  THR n 
1 81  GLU n 
1 82  GLY n 
1 83  PHE n 
1 84  THR n 
1 85  TYR n 
1 86  LYS n 
1 87  GLN n 
1 88  VAL n 
1 89  VAL n 
1 90  ASP n 
1 91  LEU n 
1 92  ILE n 
1 93  ARG n 
1 94  SER n 
1 95  SER n 
1 96  GLY n 
1 97  ASN n 
1 98  LEU n 
1 99  LEU n 
1 100 THR n 
1 101 ILE n 
1 102 GLU n 
1 103 THR n 
1 104 LEU n 
# 
_entity_src_gen.entity_id                          1 
_entity_src_gen.pdbx_src_id                        1 
_entity_src_gen.pdbx_alt_source_flag               sample 
_entity_src_gen.pdbx_seq_type                      ? 
_entity_src_gen.pdbx_beg_seq_num                   ? 
_entity_src_gen.pdbx_end_seq_num                   ? 
_entity_src_gen.gene_src_common_name               human 
_entity_src_gen.gene_src_genus                     Homo 
_entity_src_gen.pdbx_gene_src_gene                 ? 
_entity_src_gen.gene_src_species                   ? 
_entity_src_gen.gene_src_strain                    ? 
_entity_src_gen.gene_src_tissue                    ? 
_entity_src_gen.gene_src_tissue_fraction           ? 
_entity_src_gen.gene_src_details                   ? 
_entity_src_gen.pdbx_gene_src_fragment             ? 
_entity_src_gen.pdbx_gene_src_scientific_name      'Homo sapiens' 
_entity_src_gen.pdbx_gene_src_ncbi_taxonomy_id     9606 
_entity_src_gen.pdbx_gene_src_variant              ? 
_entity_src_gen.pdbx_gene_src_cell_line            ? 
_entity_src_gen.pdbx_gene_src_atcc                 ? 
_entity_src_gen.pdbx_gene_src_organ                ? 
_entity_src_gen.pdbx_gene_src_organelle            ? 
_entity_src_gen.pdbx_gene_src_cell                 ? 
_entity_src_gen.pdbx_gene_src_cellular_location    ? 
_entity_src_gen.host_org_common_name               ? 
_entity_src_gen.pdbx_host_org_scientific_name      'Cell-free protein synthesis' 
_entity_src_gen.pdbx_host_org_ncbi_taxonomy_id     ? 
_entity_src_gen.host_org_genus                     ? 
_entity_src_gen.pdbx_host_org_gene                 ? 
_entity_src_gen.pdbx_host_org_organ                ? 
_entity_src_gen.host_org_species                   ? 
_entity_src_gen.pdbx_host_org_tissue               ? 
_entity_src_gen.pdbx_host_org_tissue_fraction      ? 
_entity_src_gen.pdbx_host_org_strain               ? 
_entity_src_gen.pdbx_host_org_variant              ? 
_entity_src_gen.pdbx_host_org_cell_line            ? 
_entity_src_gen.pdbx_host_org_atcc                 ? 
_entity_src_gen.pdbx_host_org_culture_collection   ? 
_entity_src_gen.pdbx_host_org_cell                 ? 
_entity_src_gen.pdbx_host_org_organelle            ? 
_entity_src_gen.pdbx_host_org_cellular_location    ? 
_entity_src_gen.pdbx_host_org_vector_type          Plasmid 
_entity_src_gen.pdbx_host_org_vector               ? 
_entity_src_gen.host_org_details                   ? 
_entity_src_gen.expression_system_id               ? 
_entity_src_gen.plasmid_name                       PK060110-70 
_entity_src_gen.plasmid_details                    ? 
_entity_src_gen.pdbx_description                   ? 
# 
loop_
_chem_comp.id 
_chem_comp.type 
_chem_comp.mon_nstd_flag 
_chem_comp.name 
_chem_comp.pdbx_synonyms 
_chem_comp.formula 
_chem_comp.formula_weight 
ALA 'L-peptide linking' y ALANINE         ? 'C3 H7 N O2'     89.093  
ARG 'L-peptide linking' y ARGININE        ? 'C6 H15 N4 O2 1' 175.209 
ASN 'L-peptide linking' y ASPARAGINE      ? 'C4 H8 N2 O3'    132.118 
ASP 'L-peptide linking' y 'ASPARTIC ACID' ? 'C4 H7 N O4'     133.103 
CYS 'L-peptide linking' y CYSTEINE        ? 'C3 H7 N O2 S'   121.158 
GLN 'L-peptide linking' y GLUTAMINE       ? 'C5 H10 N2 O3'   146.144 
GLU 'L-peptide linking' y 'GLUTAMIC ACID' ? 'C5 H9 N O4'     147.129 
GLY 'peptide linking'   y GLYCINE         ? 'C2 H5 N O2'     75.067  
HIS 'L-peptide linking' y HISTIDINE       ? 'C6 H10 N3 O2 1' 156.162 
HOH non-polymer         . WATER           ? 'H2 O'           18.015  
ILE 'L-peptide linking' y ISOLEUCINE      ? 'C6 H13 N O2'    131.173 
LEU 'L-peptide linking' y LEUCINE         ? 'C6 H13 N O2'    131.173 
LYS 'L-peptide linking' y LYSINE          ? 'C6 H15 N2 O2 1' 147.195 
MET 'L-peptide linking' y METHIONINE      ? 'C5 H11 N O2 S'  149.211 
PHE 'L-peptide linking' y PHENYLALANINE   ? 'C9 H11 N O2'    165.189 
PRO 'L-peptide linking' y PROLINE         ? 'C5 H9 N O2'     115.130 
SER 'L-peptide linking' y SERINE          ? 'C3 H7 N O3'     105.093 
THR 'L-peptide linking' y THREONINE       ? 'C4 H9 N O3'     119.119 
TRP 'L-peptide linking' y TRYPTOPHAN      ? 'C11 H12 N2 O2'  204.225 
TYR 'L-peptide linking' y TYROSINE        ? 'C9 H11 N O3'    181.189 
VAL 'L-peptide linking' y VALINE          ? 'C5 H11 N O2'    117.146 
# 
loop_
_pdbx_poly_seq_scheme.asym_id 
_pdbx_poly_seq_scheme.entity_id 
_pdbx_poly_seq_scheme.seq_id 
_pdbx_poly_seq_scheme.mon_id 
_pdbx_poly_seq_scheme.ndb_seq_num 
_pdbx_poly_seq_scheme.pdb_seq_num 
_pdbx_poly_seq_scheme.auth_seq_num 
_pdbx_poly_seq_scheme.pdb_mon_id 
_pdbx_poly_seq_scheme.auth_mon_id 
_pdbx_poly_seq_scheme.pdb_strand_id 
_pdbx_poly_seq_scheme.pdb_ins_code 
_pdbx_poly_seq_scheme.hetero 
A 1 1   GLY 1   1   ?   ?   ?   A . n 
A 1 2   SER 2   2   ?   ?   ?   A . n 
A 1 3   SER 3   3   ?   ?   ?   A . n 
A 1 4   GLY 4   4   ?   ?   ?   A . n 
A 1 5   SER 5   5   ?   ?   ?   A . n 
A 1 6   SER 6   6   ?   ?   ?   A . n 
A 1 7   GLY 7   7   ?   ?   ?   A . n 
A 1 8   LEU 8   8   ?   ?   ?   A . n 
A 1 9   SER 9   9   ?   ?   ?   A . n 
A 1 10  ASP 10  10  ?   ?   ?   A . n 
A 1 11  PHE 11  11  11  PHE PHE A . n 
A 1 12  SER 12  12  12  SER SER A . n 
A 1 13  TRP 13  13  13  TRP TRP A . n 
A 1 14  SER 14  14  14  SER SER A . n 
A 1 15  GLN 15  15  15  GLN GLN A . n 
A 1 16  ARG 16  16  16  ARG ARG A . n 
A 1 17  LYS 17  17  17  LYS LYS A . n 
A 1 18  LEU 18  18  18  LEU LEU A . n 
A 1 19  VAL 19  19  19  VAL VAL A . n 
A 1 20  THR 20  20  20  THR THR A . n 
A 1 21  VAL 21  21  21  VAL VAL A . n 
A 1 22  GLU 22  22  22  GLU GLU A . n 
A 1 23  LYS 23  23  23  LYS LYS A . n 
A 1 24  GLN 24  24  24  GLN GLN A . n 
A 1 25  ASP 25  25  25  ASP ASP A . n 
A 1 26  ASN 26  26  26  ASN ASN A . n 
A 1 27  GLU 27  27  27  GLU GLU A . n 
A 1 28  THR 28  28  28  THR THR A . n 
A 1 29  PHE 29  29  29  PHE PHE A . n 
A 1 30  GLY 30  30  30  GLY GLY A . n 
A 1 31  PHE 31  31  31  PHE PHE A . n 
A 1 32  GLU 32  32  32  GLU GLU A . n 
A 1 33  ILE 33  33  33  ILE ILE A . n 
A 1 34  GLN 34  34  34  GLN GLN A . n 
A 1 35  SER 35  35  35  SER SER A . n 
A 1 36  TYR 36  36  36  TYR TYR A . n 
A 1 37  ARG 37  37  37  ARG ARG A . n 
A 1 38  PRO 38  38  38  PRO PRO A . n 
A 1 39  GLN 39  39  39  GLN GLN A . n 
A 1 40  ASN 40  40  40  ASN ASN A . n 
A 1 41  GLN 41  41  41  GLN GLN A . n 
A 1 42  ASN 42  42  42  ASN ASN A . n 
A 1 43  ALA 43  43  43  ALA ALA A . n 
A 1 44  CYS 44  44  44  CYS CYS A . n 
A 1 45  SER 45  45  45  SER SER A . n 
A 1 46  SER 46  46  46  SER SER A . n 
A 1 47  GLU 47  47  47  GLU GLU A . n 
A 1 48  MET 48  48  48  MET MET A . n 
A 1 49  PHE 49  49  49  PHE PHE A . n 
A 1 50  THR 50  50  50  THR THR A . n 
A 1 51  LEU 51  51  51  LEU LEU A . n 
A 1 52  ILE 52  52  52  ILE ILE A . n 
A 1 53  CYS 53  53  53  CYS CYS A . n 
A 1 54  LYS 54  54  54  LYS LYS A . n 
A 1 55  ILE 55  55  55  ILE ILE A . n 
A 1 56  GLN 56  56  56  GLN GLN A . n 
A 1 57  GLU 57  57  57  GLU GLU A . n 
A 1 58  ASP 58  58  58  ASP ASP A . n 
A 1 59  SER 59  59  59  SER SER A . n 
A 1 60  PRO 60  60  60  PRO PRO A . n 
A 1 61  ALA 61  61  61  ALA ALA A . n 
A 1 62  HIS 62  62  62  HIS HIS A . n 
A 1 63  CYS 63  63  63  CYS CYS A . n 
A 1 64  ALA 64  64  64  ALA ALA A . n 
A 1 65  GLY 65  65  65  GLY GLY A . n 
A 1 66  LEU 66  66  66  LEU LEU A . n 
A 1 67  GLN 67  67  67  GLN GLN A . n 
A 1 68  ALA 68  68  68  ALA ALA A . n 
A 1 69  GLY 69  69  69  GLY GLY A . n 
A 1 70  ASP 70  70  70  ASP ASP A . n 
A 1 71  VAL 71  71  71  VAL VAL A . n 
A 1 72  LEU 72  72  72  LEU LEU A . n 
A 1 73  ALA 73  73  73  ALA ALA A . n 
A 1 74  ASN 74  74  74  ASN ASN A . n 
A 1 75  ILE 75  75  75  ILE ILE A . n 
A 1 76  ASN 76  76  76  ASN ASN A . n 
A 1 77  GLY 77  77  77  GLY GLY A . n 
A 1 78  VAL 78  78  78  VAL VAL A . n 
A 1 79  SER 79  79  79  SER SER A . n 
A 1 80  THR 80  80  80  THR THR A . n 
A 1 81  GLU 81  81  81  GLU GLU A . n 
A 1 82  GLY 82  82  82  GLY GLY A . n 
A 1 83  PHE 83  83  83  PHE PHE A . n 
A 1 84  THR 84  84  84  THR THR A . n 
A 1 85  TYR 85  85  85  TYR TYR A . n 
A 1 86  LYS 86  86  86  LYS LYS A . n 
A 1 87  GLN 87  87  87  GLN GLN A . n 
A 1 88  VAL 88  88  88  VAL VAL A . n 
A 1 89  VAL 89  89  89  VAL VAL A . n 
A 1 90  ASP 90  90  90  ASP ASP A . n 
A 1 91  LEU 91  91  91  LEU LEU A . n 
A 1 92  ILE 92  92  92  ILE ILE A . n 
A 1 93  ARG 93  93  93  ARG ARG A . n 
A 1 94  SER 94  94  94  SER SER A . n 
A 1 95  SER 95  95  95  SER SER A . n 
A 1 96  GLY 96  96  96  GLY GLY A . n 
A 1 97  ASN 97  97  97  ASN ASN A . n 
A 1 98  LEU 98  98  98  LEU LEU A . n 
A 1 99  LEU 99  99  99  LEU LEU A . n 
A 1 100 THR 100 100 100 THR THR A . n 
A 1 101 ILE 101 101 101 ILE ILE A . n 
A 1 102 GLU 102 102 102 GLU GLU A . n 
A 1 103 THR 103 103 103 THR THR A . n 
A 1 104 LEU 104 104 104 LEU LEU A . n 
# 
loop_
_pdbx_nonpoly_scheme.asym_id 
_pdbx_nonpoly_scheme.entity_id 
_pdbx_nonpoly_scheme.mon_id 
_pdbx_nonpoly_scheme.ndb_seq_num 
_pdbx_nonpoly_scheme.pdb_seq_num 
_pdbx_nonpoly_scheme.auth_seq_num 
_pdbx_nonpoly_scheme.pdb_mon_id 
_pdbx_nonpoly_scheme.auth_mon_id 
_pdbx_nonpoly_scheme.pdb_strand_id 
_pdbx_nonpoly_scheme.pdb_ins_code 
B 2 HOH 1  105 2  HOH TIP A . 
B 2 HOH 2  106 3  HOH TIP A . 
B 2 HOH 3  107 4  HOH TIP A . 
B 2 HOH 4  108 5  HOH TIP A . 
B 2 HOH 5  109 6  HOH TIP A . 
B 2 HOH 6  110 7  HOH TIP A . 
B 2 HOH 7  111 8  HOH TIP A . 
B 2 HOH 8  112 9  HOH TIP A . 
B 2 HOH 9  113 10 HOH TIP A . 
B 2 HOH 10 114 11 HOH TIP A . 
B 2 HOH 11 115 12 HOH TIP A . 
# 
loop_
_software.name 
_software.classification 
_software.version 
_software.citation_id 
_software.pdbx_ordinal 
CNS      refinement       1.1 ? 1 
HKL-2000 'data reduction' .   ? 2 
HKL-2000 'data scaling'   .   ? 3 
SOLVE    phasing          .   ? 4 
# 
_cell.entry_id           2Z17 
_cell.length_a           65.917 
_cell.length_b           65.917 
_cell.length_c           81.090 
_cell.angle_alpha        90.00 
_cell.angle_beta         90.00 
_cell.angle_gamma        120.00 
_cell.Z_PDB              12 
_cell.pdbx_unique_axis   ? 
_cell.length_a_esd       ? 
_cell.length_b_esd       ? 
_cell.length_c_esd       ? 
_cell.angle_alpha_esd    ? 
_cell.angle_beta_esd     ? 
_cell.angle_gamma_esd    ? 
# 
_symmetry.entry_id                         2Z17 
_symmetry.space_group_name_H-M             'P 61 2 2' 
_symmetry.pdbx_full_space_group_name_H-M   ? 
_symmetry.cell_setting                     ? 
_symmetry.Int_Tables_number                178 
_symmetry.space_group_name_Hall            ? 
# 
_exptl.entry_id          2Z17 
_exptl.method            'X-RAY DIFFRACTION' 
_exptl.crystals_number   1 
# 
_exptl_crystal.id                    1 
_exptl_crystal.density_meas          ? 
_exptl_crystal.density_Matthews      2.25 
_exptl_crystal.density_percent_sol   45.32 
_exptl_crystal.description           ? 
_exptl_crystal.F_000                 ? 
_exptl_crystal.preparation           ? 
# 
_exptl_crystal_grow.crystal_id      1 
_exptl_crystal_grow.method          'VAPOR DIFFUSION, HANGING DROP' 
_exptl_crystal_grow.temp            293 
_exptl_crystal_grow.temp_details    ? 
_exptl_crystal_grow.pH              7.5 
_exptl_crystal_grow.pdbx_details    '0.1M HEPES-Na, 2.0M Ammonium Sulfate, pH 7.5, VAPOR DIFFUSION, HANGING DROP, temperature 293K' 
_exptl_crystal_grow.pdbx_pH_range   . 
# 
_diffrn.id                     1 
_diffrn.ambient_temp           100 
_diffrn.ambient_temp_details   ? 
_diffrn.crystal_id             1 
# 
_diffrn_detector.diffrn_id              1 
_diffrn_detector.detector               CCD 
_diffrn_detector.type                   'ADSC QUANTUM 315' 
_diffrn_detector.pdbx_collection_date   2006-05-11 
_diffrn_detector.details                mirrors 
# 
_diffrn_radiation.diffrn_id                        1 
_diffrn_radiation.wavelength_id                    1 
_diffrn_radiation.pdbx_monochromatic_or_laue_m_l   M 
_diffrn_radiation.monochromator                    'Si II' 
_diffrn_radiation.pdbx_diffrn_protocol             MAD 
_diffrn_radiation.pdbx_scattering_type             x-ray 
# 
loop_
_diffrn_radiation_wavelength.id 
_diffrn_radiation_wavelength.wavelength 
_diffrn_radiation_wavelength.wt 
1 0.9789 1.0 
2 0.9794 1.0 
3 0.964  1.0 
# 
_diffrn_source.diffrn_id                   1 
_diffrn_source.source                      SYNCHROTRON 
_diffrn_source.type                        'PHOTON FACTORY BEAMLINE BL-5A' 
_diffrn_source.pdbx_synchrotron_site       'Photon Factory' 
_diffrn_source.pdbx_synchrotron_beamline   BL-5A 
_diffrn_source.pdbx_wavelength             ? 
_diffrn_source.pdbx_wavelength_list        '0.9789, 0.9794, 0.964' 
# 
_reflns.entry_id                     2Z17 
_reflns.observed_criterion_sigma_I   -3 
_reflns.observed_criterion_sigma_F   ? 
_reflns.d_resolution_low             50 
_reflns.d_resolution_high            2.5 
_reflns.number_obs                   3931 
_reflns.number_all                   ? 
_reflns.percent_possible_obs         99.7 
_reflns.pdbx_Rmerge_I_obs            ? 
_reflns.pdbx_Rsym_value              0.061 
_reflns.pdbx_netI_over_sigmaI        41.9 
_reflns.B_iso_Wilson_estimate        38.2 
_reflns.pdbx_redundancy              19.5 
_reflns.R_free_details               ? 
_reflns.limit_h_max                  ? 
_reflns.limit_h_min                  ? 
_reflns.limit_k_max                  ? 
_reflns.limit_k_min                  ? 
_reflns.limit_l_max                  ? 
_reflns.limit_l_min                  ? 
_reflns.observed_criterion_F_max     ? 
_reflns.observed_criterion_F_min     ? 
_reflns.pdbx_chi_squared             ? 
_reflns.pdbx_scaling_rejects         ? 
_reflns.pdbx_diffrn_id               1 
_reflns.pdbx_ordinal                 1 
# 
_reflns_shell.d_res_high             2.5 
_reflns_shell.d_res_low              2.63 
_reflns_shell.percent_possible_all   99.6 
_reflns_shell.Rmerge_I_obs           ? 
_reflns_shell.pdbx_Rsym_value        0.232 
_reflns_shell.meanI_over_sigI_obs    15.6 
_reflns_shell.pdbx_redundancy        ? 
_reflns_shell.percent_possible_obs   ? 
_reflns_shell.number_unique_all      ? 
_reflns_shell.number_measured_all    ? 
_reflns_shell.number_measured_obs    ? 
_reflns_shell.number_unique_obs      ? 
_reflns_shell.pdbx_chi_squared       ? 
_reflns_shell.pdbx_diffrn_id         ? 
_reflns_shell.pdbx_ordinal           1 
# 
_refine.entry_id                                 2Z17 
_refine.ls_number_reflns_obs                     3931 
_refine.ls_number_reflns_all                     ? 
_refine.pdbx_ls_sigma_I                          ? 
_refine.pdbx_ls_sigma_F                          0.0 
_refine.pdbx_data_cutoff_high_absF               145252.75 
_refine.pdbx_data_cutoff_low_absF                0.000000 
_refine.pdbx_data_cutoff_high_rms_absF           ? 
_refine.ls_d_res_low                             28.54 
_refine.ls_d_res_high                            2.70 
_refine.ls_percent_reflns_obs                    99.2 
_refine.ls_R_factor_obs                          0.244 
_refine.ls_R_factor_all                          ? 
_refine.ls_R_factor_R_work                       0.244 
_refine.ls_R_factor_R_free                       0.334 
_refine.ls_R_factor_R_free_error                 0.015 
_refine.ls_R_factor_R_free_error_details         ? 
_refine.ls_percent_reflns_R_free                 9.7 
_refine.ls_number_reflns_R_free                  195 
_refine.ls_number_parameters                     ? 
_refine.ls_number_restraints                     ? 
_refine.occupancy_min                            ? 
_refine.occupancy_max                            ? 
_refine.correlation_coeff_Fo_to_Fc               ? 
_refine.correlation_coeff_Fo_to_Fc_free          ? 
_refine.B_iso_mean                               44.0 
_refine.aniso_B[1][1]                            -3.37 
_refine.aniso_B[2][2]                            -3.37 
_refine.aniso_B[3][3]                            6.73 
_refine.aniso_B[1][2]                            6.25 
_refine.aniso_B[1][3]                            0.00 
_refine.aniso_B[2][3]                            0.00 
_refine.solvent_model_details                    'FLAT MODEL' 
_refine.solvent_model_param_ksol                 0.340996 
_refine.solvent_model_param_bsol                 46.1437 
_refine.pdbx_solvent_vdw_probe_radii             ? 
_refine.pdbx_solvent_ion_probe_radii             ? 
_refine.pdbx_solvent_shrinkage_radii             ? 
_refine.pdbx_ls_cross_valid_method               THROUGHOUT 
_refine.details                                  ? 
_refine.pdbx_starting_model                      ? 
_refine.pdbx_method_to_determine_struct          MAD 
_refine.pdbx_isotropic_thermal_model             RESTRAINED 
_refine.pdbx_stereochemistry_target_values       ? 
_refine.pdbx_stereochem_target_val_spec_case     ? 
_refine.pdbx_R_Free_selection_details            RANDOM 
_refine.pdbx_overall_ESU_R                       ? 
_refine.pdbx_overall_ESU_R_Free                  ? 
_refine.overall_SU_ML                            ? 
_refine.overall_SU_B                             ? 
_refine.ls_redundancy_reflns_obs                 ? 
_refine.B_iso_min                                ? 
_refine.B_iso_max                                ? 
_refine.overall_SU_R_Cruickshank_DPI             ? 
_refine.overall_SU_R_free                        ? 
_refine.ls_wR_factor_R_free                      ? 
_refine.ls_wR_factor_R_work                      ? 
_refine.overall_FOM_free_R_set                   ? 
_refine.overall_FOM_work_R_set                   ? 
_refine.pdbx_overall_phase_error                 ? 
_refine.pdbx_refine_id                           'X-RAY DIFFRACTION' 
_refine.pdbx_diffrn_id                           1 
_refine.pdbx_TLS_residual_ADP_flag               ? 
_refine.pdbx_overall_SU_R_free_Cruickshank_DPI   ? 
_refine.pdbx_overall_SU_R_Blow_DPI               ? 
_refine.pdbx_overall_SU_R_free_Blow_DPI          ? 
# 
_refine_analyze.entry_id                        2Z17 
_refine_analyze.Luzzati_coordinate_error_obs    0.36 
_refine_analyze.Luzzati_sigma_a_obs             0.39 
_refine_analyze.Luzzati_d_res_low_obs           5.00 
_refine_analyze.Luzzati_coordinate_error_free   0.50 
_refine_analyze.Luzzati_sigma_a_free            0.61 
_refine_analyze.Luzzati_d_res_low_free          ? 
_refine_analyze.number_disordered_residues      ? 
_refine_analyze.occupancy_sum_hydrogen          ? 
_refine_analyze.occupancy_sum_non_hydrogen      ? 
_refine_analyze.pdbx_Luzzati_d_res_high_obs     ? 
_refine_analyze.pdbx_refine_id                  'X-RAY DIFFRACTION' 
# 
_refine_hist.pdbx_refine_id                   'X-RAY DIFFRACTION' 
_refine_hist.cycle_id                         LAST 
_refine_hist.pdbx_number_atoms_protein        734 
_refine_hist.pdbx_number_atoms_nucleic_acid   0 
_refine_hist.pdbx_number_atoms_ligand         0 
_refine_hist.number_atoms_solvent             11 
_refine_hist.number_atoms_total               745 
_refine_hist.d_res_high                       2.70 
_refine_hist.d_res_low                        28.54 
# 
loop_
_refine_ls_restr.type 
_refine_ls_restr.dev_ideal 
_refine_ls_restr.dev_ideal_target 
_refine_ls_restr.weight 
_refine_ls_restr.number 
_refine_ls_restr.pdbx_refine_id 
_refine_ls_restr.pdbx_restraint_function 
c_bond_d                0.012 ? ? ? 'X-RAY DIFFRACTION' ? 
c_bond_d_na             ?     ? ? ? 'X-RAY DIFFRACTION' ? 
c_bond_d_prot           ?     ? ? ? 'X-RAY DIFFRACTION' ? 
c_angle_d               ?     ? ? ? 'X-RAY DIFFRACTION' ? 
c_angle_d_na            ?     ? ? ? 'X-RAY DIFFRACTION' ? 
c_angle_d_prot          ?     ? ? ? 'X-RAY DIFFRACTION' ? 
c_angle_deg             1.8   ? ? ? 'X-RAY DIFFRACTION' ? 
c_angle_deg_na          ?     ? ? ? 'X-RAY DIFFRACTION' ? 
c_angle_deg_prot        ?     ? ? ? 'X-RAY DIFFRACTION' ? 
c_dihedral_angle_d      26.4  ? ? ? 'X-RAY DIFFRACTION' ? 
c_dihedral_angle_d_na   ?     ? ? ? 'X-RAY DIFFRACTION' ? 
c_dihedral_angle_d_prot ?     ? ? ? 'X-RAY DIFFRACTION' ? 
c_improper_angle_d      1.17  ? ? ? 'X-RAY DIFFRACTION' ? 
c_improper_angle_d_na   ?     ? ? ? 'X-RAY DIFFRACTION' ? 
c_improper_angle_d_prot ?     ? ? ? 'X-RAY DIFFRACTION' ? 
c_mcbond_it             ?     ? ? ? 'X-RAY DIFFRACTION' ? 
c_mcangle_it            ?     ? ? ? 'X-RAY DIFFRACTION' ? 
c_scbond_it             ?     ? ? ? 'X-RAY DIFFRACTION' ? 
c_scangle_it            ?     ? ? ? 'X-RAY DIFFRACTION' ? 
# 
_refine_ls_shell.pdbx_total_number_of_bins_used   6 
_refine_ls_shell.d_res_high                       2.70 
_refine_ls_shell.d_res_low                        2.87 
_refine_ls_shell.number_reflns_R_work             868 
_refine_ls_shell.R_factor_R_work                  0.304 
_refine_ls_shell.percent_reflns_obs               97.8 
_refine_ls_shell.R_factor_R_free                  0.392 
_refine_ls_shell.R_factor_R_free_error            0.070 
_refine_ls_shell.percent_reflns_R_free            3.4 
_refine_ls_shell.number_reflns_R_free             31 
_refine_ls_shell.number_reflns_all                ? 
_refine_ls_shell.R_factor_all                     ? 
_refine_ls_shell.number_reflns_obs                ? 
_refine_ls_shell.redundancy_reflns_obs            ? 
_refine_ls_shell.pdbx_refine_id                   'X-RAY DIFFRACTION' 
# 
loop_
_pdbx_xplor_file.serial_no 
_pdbx_xplor_file.param_file 
_pdbx_xplor_file.topol_file 
_pdbx_xplor_file.pdbx_refine_id 
1 protein_rep.param protein.top 'X-RAY DIFFRACTION' 
2 water_rep.param   water.top   'X-RAY DIFFRACTION' 
# 
_struct.entry_id                  2Z17 
_struct.title                     'Crystal structure of PDZ domain from human Pleckstrin homology, Sec7' 
_struct.pdbx_model_details        ? 
_struct.pdbx_CASP_flag            ? 
_struct.pdbx_model_type_details   ? 
# 
_struct_keywords.entry_id        2Z17 
_struct_keywords.pdbx_keywords   'PROTEIN BINDING' 
_struct_keywords.text            
;PDZ domain, Coiled coil, Cytoplasm, Membrane, Polymorphism, PROTEIN BINDING, Structural Genomics, NPPSFA, National Project on Protein Structural and Functional Analyses, RIKEN Structural Genomics/Proteomics Initiative, RSGI
;
# 
loop_
_struct_asym.id 
_struct_asym.pdbx_blank_PDB_chainid_flag 
_struct_asym.pdbx_modified 
_struct_asym.entity_id 
_struct_asym.details 
A N N 1 ? 
B N N 2 ? 
# 
_struct_ref.id                         1 
_struct_ref.db_name                    UNP 
_struct_ref.db_code                    PSCBP_HUMAN 
_struct_ref.pdbx_db_accession          O60759 
_struct_ref.entity_id                  1 
_struct_ref.pdbx_seq_one_letter_code   
;LSDFSWSQRKLVTVEKQDNETFGFEIQSYRPQNQNACSSEMFTLICKIQEDSPAHCAGLQAGDVLANINGVSTEGFTYKQ
VVDLIRSSGNLLTIETL
;
_struct_ref.pdbx_align_begin           67 
_struct_ref.pdbx_db_isoform            ? 
# 
_struct_ref_seq.align_id                      1 
_struct_ref_seq.ref_id                        1 
_struct_ref_seq.pdbx_PDB_id_code              2Z17 
_struct_ref_seq.pdbx_strand_id                A 
_struct_ref_seq.seq_align_beg                 8 
_struct_ref_seq.pdbx_seq_align_beg_ins_code   ? 
_struct_ref_seq.seq_align_end                 104 
_struct_ref_seq.pdbx_seq_align_end_ins_code   ? 
_struct_ref_seq.pdbx_db_accession             O60759 
_struct_ref_seq.db_align_beg                  67 
_struct_ref_seq.pdbx_db_align_beg_ins_code    ? 
_struct_ref_seq.db_align_end                  163 
_struct_ref_seq.pdbx_db_align_end_ins_code    ? 
_struct_ref_seq.pdbx_auth_seq_align_beg       8 
_struct_ref_seq.pdbx_auth_seq_align_end       104 
# 
loop_
_struct_ref_seq_dif.align_id 
_struct_ref_seq_dif.pdbx_pdb_id_code 
_struct_ref_seq_dif.mon_id 
_struct_ref_seq_dif.pdbx_pdb_strand_id 
_struct_ref_seq_dif.seq_num 
_struct_ref_seq_dif.pdbx_pdb_ins_code 
_struct_ref_seq_dif.pdbx_seq_db_name 
_struct_ref_seq_dif.pdbx_seq_db_accession_code 
_struct_ref_seq_dif.db_mon_id 
_struct_ref_seq_dif.pdbx_seq_db_seq_num 
_struct_ref_seq_dif.details 
_struct_ref_seq_dif.pdbx_auth_seq_num 
_struct_ref_seq_dif.pdbx_ordinal 
1 2Z17 GLY A 1 ? UNP O60759 ? ? 'expression tag' 1 1 
1 2Z17 SER A 2 ? UNP O60759 ? ? 'expression tag' 2 2 
1 2Z17 SER A 3 ? UNP O60759 ? ? 'expression tag' 3 3 
1 2Z17 GLY A 4 ? UNP O60759 ? ? 'expression tag' 4 4 
1 2Z17 SER A 5 ? UNP O60759 ? ? 'expression tag' 5 5 
1 2Z17 SER A 6 ? UNP O60759 ? ? 'expression tag' 6 6 
1 2Z17 GLY A 7 ? UNP O60759 ? ? 'expression tag' 7 7 
# 
_pdbx_struct_assembly.id                   1 
_pdbx_struct_assembly.details              author_and_software_defined_assembly 
_pdbx_struct_assembly.method_details       PISA 
_pdbx_struct_assembly.oligomeric_details   dimeric 
_pdbx_struct_assembly.oligomeric_count     2 
# 
loop_
_pdbx_struct_assembly_prop.biol_id 
_pdbx_struct_assembly_prop.type 
_pdbx_struct_assembly_prop.value 
_pdbx_struct_assembly_prop.details 
1 'ABSA (A^2)' 1920  ? 
1 MORE         -12   ? 
1 'SSA (A^2)'  10470 ? 
# 
_pdbx_struct_assembly_gen.assembly_id       1 
_pdbx_struct_assembly_gen.oper_expression   1,2 
_pdbx_struct_assembly_gen.asym_id_list      A,B 
# 
loop_
_pdbx_struct_oper_list.id 
_pdbx_struct_oper_list.type 
_pdbx_struct_oper_list.name 
_pdbx_struct_oper_list.symmetry_operation 
_pdbx_struct_oper_list.matrix[1][1] 
_pdbx_struct_oper_list.matrix[1][2] 
_pdbx_struct_oper_list.matrix[1][3] 
_pdbx_struct_oper_list.vector[1] 
_pdbx_struct_oper_list.matrix[2][1] 
_pdbx_struct_oper_list.matrix[2][2] 
_pdbx_struct_oper_list.matrix[2][3] 
_pdbx_struct_oper_list.vector[2] 
_pdbx_struct_oper_list.matrix[3][1] 
_pdbx_struct_oper_list.matrix[3][2] 
_pdbx_struct_oper_list.matrix[3][3] 
_pdbx_struct_oper_list.vector[3] 
1 'identity operation'         1_555  x,y,z          1.0000000000  0.0000000000 0.0000000000  0.0000000000  0.0000000000 1.0000000000  0.0000000000  0.0000000000 0.0000000000  0.0000000000  1.0000000000 0.0000000000  
2 'crystal symmetry operation' 12_545 x,x-y-1,-z+1/6 -0.0732746380 0.0707363748 -0.9948000768 17.7040682254 0.0707363748 -0.9946007362 -0.0759324758 0.2582358558 -0.9948000768 -0.0759324758 0.0678753741 16.5109312792 
# 
loop_
_struct_conf.conf_type_id 
_struct_conf.id 
_struct_conf.pdbx_PDB_helix_id 
_struct_conf.beg_label_comp_id 
_struct_conf.beg_label_asym_id 
_struct_conf.beg_label_seq_id 
_struct_conf.pdbx_beg_PDB_ins_code 
_struct_conf.end_label_comp_id 
_struct_conf.end_label_asym_id 
_struct_conf.end_label_seq_id 
_struct_conf.pdbx_end_PDB_ins_code 
_struct_conf.beg_auth_comp_id 
_struct_conf.beg_auth_asym_id 
_struct_conf.beg_auth_seq_id 
_struct_conf.end_auth_comp_id 
_struct_conf.end_auth_asym_id 
_struct_conf.end_auth_seq_id 
_struct_conf.pdbx_PDB_helix_class 
_struct_conf.details 
_struct_conf.pdbx_PDB_helix_length 
HELX_P HELX_P1 1 SER A 59 ? GLY A 65 ? SER A 59 GLY A 65 1 ? 7  
HELX_P HELX_P2 2 THR A 84 ? SER A 95 ? THR A 84 SER A 95 1 ? 12 
# 
_struct_conf_type.id          HELX_P 
_struct_conf_type.criteria    ? 
_struct_conf_type.reference   ? 
# 
loop_
_struct_sheet.id 
_struct_sheet.type 
_struct_sheet.number_strands 
_struct_sheet.details 
A ? 4 ? 
B ? 2 ? 
# 
loop_
_struct_sheet_order.sheet_id 
_struct_sheet_order.range_id_1 
_struct_sheet_order.range_id_2 
_struct_sheet_order.offset 
_struct_sheet_order.sense 
A 1 2 ? anti-parallel 
A 2 3 ? anti-parallel 
A 3 4 ? anti-parallel 
B 1 2 ? anti-parallel 
# 
loop_
_struct_sheet_range.sheet_id 
_struct_sheet_range.id 
_struct_sheet_range.beg_label_comp_id 
_struct_sheet_range.beg_label_asym_id 
_struct_sheet_range.beg_label_seq_id 
_struct_sheet_range.pdbx_beg_PDB_ins_code 
_struct_sheet_range.end_label_comp_id 
_struct_sheet_range.end_label_asym_id 
_struct_sheet_range.end_label_seq_id 
_struct_sheet_range.pdbx_end_PDB_ins_code 
_struct_sheet_range.beg_auth_comp_id 
_struct_sheet_range.beg_auth_asym_id 
_struct_sheet_range.beg_auth_seq_id 
_struct_sheet_range.end_auth_comp_id 
_struct_sheet_range.end_auth_asym_id 
_struct_sheet_range.end_auth_seq_id 
A 1 LEU A 18 ? GLU A 22  ? LEU A 18 GLU A 22  
A 2 LEU A 98 ? GLU A 102 ? LEU A 98 GLU A 102 
A 3 ASN A 74 ? ILE A 75  ? ASN A 74 ILE A 75  
A 4 VAL A 78 ? SER A 79  ? VAL A 78 SER A 79  
B 1 PHE A 31 ? SER A 35  ? PHE A 31 SER A 35  
B 2 THR A 50 ? ILE A 55  ? THR A 50 ILE A 55  
# 
loop_
_pdbx_struct_sheet_hbond.sheet_id 
_pdbx_struct_sheet_hbond.range_id_1 
_pdbx_struct_sheet_hbond.range_id_2 
_pdbx_struct_sheet_hbond.range_1_label_atom_id 
_pdbx_struct_sheet_hbond.range_1_label_comp_id 
_pdbx_struct_sheet_hbond.range_1_label_asym_id 
_pdbx_struct_sheet_hbond.range_1_label_seq_id 
_pdbx_struct_sheet_hbond.range_1_PDB_ins_code 
_pdbx_struct_sheet_hbond.range_1_auth_atom_id 
_pdbx_struct_sheet_hbond.range_1_auth_comp_id 
_pdbx_struct_sheet_hbond.range_1_auth_asym_id 
_pdbx_struct_sheet_hbond.range_1_auth_seq_id 
_pdbx_struct_sheet_hbond.range_2_label_atom_id 
_pdbx_struct_sheet_hbond.range_2_label_comp_id 
_pdbx_struct_sheet_hbond.range_2_label_asym_id 
_pdbx_struct_sheet_hbond.range_2_label_seq_id 
_pdbx_struct_sheet_hbond.range_2_PDB_ins_code 
_pdbx_struct_sheet_hbond.range_2_auth_atom_id 
_pdbx_struct_sheet_hbond.range_2_auth_comp_id 
_pdbx_struct_sheet_hbond.range_2_auth_asym_id 
_pdbx_struct_sheet_hbond.range_2_auth_seq_id 
A 1 2 N VAL A 19  ? N VAL A 19  O ILE A 101 ? O ILE A 101 
A 2 3 O GLU A 102 ? O GLU A 102 N ASN A 74  ? N ASN A 74  
A 3 4 N ILE A 75  ? N ILE A 75  O VAL A 78  ? O VAL A 78  
B 1 2 N GLU A 32  ? N GLU A 32  O CYS A 53  ? O CYS A 53  
# 
loop_
_pdbx_validate_symm_contact.id 
_pdbx_validate_symm_contact.PDB_model_num 
_pdbx_validate_symm_contact.auth_atom_id_1 
_pdbx_validate_symm_contact.auth_asym_id_1 
_pdbx_validate_symm_contact.auth_comp_id_1 
_pdbx_validate_symm_contact.auth_seq_id_1 
_pdbx_validate_symm_contact.PDB_ins_code_1 
_pdbx_validate_symm_contact.label_alt_id_1 
_pdbx_validate_symm_contact.site_symmetry_1 
_pdbx_validate_symm_contact.auth_atom_id_2 
_pdbx_validate_symm_contact.auth_asym_id_2 
_pdbx_validate_symm_contact.auth_comp_id_2 
_pdbx_validate_symm_contact.auth_seq_id_2 
_pdbx_validate_symm_contact.PDB_ins_code_2 
_pdbx_validate_symm_contact.label_alt_id_2 
_pdbx_validate_symm_contact.site_symmetry_2 
_pdbx_validate_symm_contact.dist 
1 1 O A HOH 110 ? ? 1_555 O A HOH 110 ? ? 8_555  1.65 
2 1 O A HOH 112 ? ? 1_555 O A HOH 112 ? ? 10_554 2.08 
# 
loop_
_pdbx_validate_torsion.id 
_pdbx_validate_torsion.PDB_model_num 
_pdbx_validate_torsion.auth_comp_id 
_pdbx_validate_torsion.auth_asym_id 
_pdbx_validate_torsion.auth_seq_id 
_pdbx_validate_torsion.PDB_ins_code 
_pdbx_validate_torsion.label_alt_id 
_pdbx_validate_torsion.phi 
_pdbx_validate_torsion.psi 
1  1 SER A 12  ? ? 14.92   80.09   
2  1 SER A 14  ? ? 57.28   119.33  
3  1 GLN A 15  ? ? -48.27  105.20  
4  1 GLN A 34  ? ? -165.18 118.50  
5  1 GLN A 39  ? ? -97.23  55.11   
6  1 ASN A 40  ? ? -176.33 105.19  
7  1 ASN A 42  ? ? -178.50 -167.65 
8  1 CYS A 44  ? ? -99.22  -123.92 
9  1 GLU A 47  ? ? 82.79   158.32  
10 1 MET A 48  ? ? -36.09  142.05  
11 1 ASP A 58  ? ? 76.15   -21.80  
12 1 THR A 103 ? ? -102.28 -164.57 
# 
_pdbx_SG_project.id                    1 
_pdbx_SG_project.project_name          'NPPSFA, National Project on Protein Structural and Functional Analyses' 
_pdbx_SG_project.full_name_of_center   'RIKEN Structural Genomics/Proteomics Initiative' 
_pdbx_SG_project.initial_of_center     RSGI 
# 
_pdbx_struct_special_symmetry.id              1 
_pdbx_struct_special_symmetry.PDB_model_num   1 
_pdbx_struct_special_symmetry.auth_asym_id    A 
_pdbx_struct_special_symmetry.auth_comp_id    HOH 
_pdbx_struct_special_symmetry.auth_seq_id     111 
_pdbx_struct_special_symmetry.PDB_ins_code    ? 
_pdbx_struct_special_symmetry.label_asym_id   B 
_pdbx_struct_special_symmetry.label_comp_id   HOH 
_pdbx_struct_special_symmetry.label_seq_id    . 
# 
loop_
_pdbx_unobs_or_zero_occ_residues.id 
_pdbx_unobs_or_zero_occ_residues.PDB_model_num 
_pdbx_unobs_or_zero_occ_residues.polymer_flag 
_pdbx_unobs_or_zero_occ_residues.occupancy_flag 
_pdbx_unobs_or_zero_occ_residues.auth_asym_id 
_pdbx_unobs_or_zero_occ_residues.auth_comp_id 
_pdbx_unobs_or_zero_occ_residues.auth_seq_id 
_pdbx_unobs_or_zero_occ_residues.PDB_ins_code 
_pdbx_unobs_or_zero_occ_residues.label_asym_id 
_pdbx_unobs_or_zero_occ_residues.label_comp_id 
_pdbx_unobs_or_zero_occ_residues.label_seq_id 
1  1 Y 1 A GLY 1  ? A GLY 1  
2  1 Y 1 A SER 2  ? A SER 2  
3  1 Y 1 A SER 3  ? A SER 3  
4  1 Y 1 A GLY 4  ? A GLY 4  
5  1 Y 1 A SER 5  ? A SER 5  
6  1 Y 1 A SER 6  ? A SER 6  
7  1 Y 1 A GLY 7  ? A GLY 7  
8  1 Y 1 A LEU 8  ? A LEU 8  
9  1 Y 1 A SER 9  ? A SER 9  
10 1 Y 1 A ASP 10 ? A ASP 10 
# 
loop_
_chem_comp_atom.comp_id 
_chem_comp_atom.atom_id 
_chem_comp_atom.type_symbol 
_chem_comp_atom.pdbx_aromatic_flag 
_chem_comp_atom.pdbx_stereo_config 
_chem_comp_atom.pdbx_ordinal 
ALA N    N N N 1   
ALA CA   C N S 2   
ALA C    C N N 3   
ALA O    O N N 4   
ALA CB   C N N 5   
ALA OXT  O N N 6   
ALA H    H N N 7   
ALA H2   H N N 8   
ALA HA   H N N 9   
ALA HB1  H N N 10  
ALA HB2  H N N 11  
ALA HB3  H N N 12  
ALA HXT  H N N 13  
ARG N    N N N 14  
ARG CA   C N S 15  
ARG C    C N N 16  
ARG O    O N N 17  
ARG CB   C N N 18  
ARG CG   C N N 19  
ARG CD   C N N 20  
ARG NE   N N N 21  
ARG CZ   C N N 22  
ARG NH1  N N N 23  
ARG NH2  N N N 24  
ARG OXT  O N N 25  
ARG H    H N N 26  
ARG H2   H N N 27  
ARG HA   H N N 28  
ARG HB2  H N N 29  
ARG HB3  H N N 30  
ARG HG2  H N N 31  
ARG HG3  H N N 32  
ARG HD2  H N N 33  
ARG HD3  H N N 34  
ARG HE   H N N 35  
ARG HH11 H N N 36  
ARG HH12 H N N 37  
ARG HH21 H N N 38  
ARG HH22 H N N 39  
ARG HXT  H N N 40  
ASN N    N N N 41  
ASN CA   C N S 42  
ASN C    C N N 43  
ASN O    O N N 44  
ASN CB   C N N 45  
ASN CG   C N N 46  
ASN OD1  O N N 47  
ASN ND2  N N N 48  
ASN OXT  O N N 49  
ASN H    H N N 50  
ASN H2   H N N 51  
ASN HA   H N N 52  
ASN HB2  H N N 53  
ASN HB3  H N N 54  
ASN HD21 H N N 55  
ASN HD22 H N N 56  
ASN HXT  H N N 57  
ASP N    N N N 58  
ASP CA   C N S 59  
ASP C    C N N 60  
ASP O    O N N 61  
ASP CB   C N N 62  
ASP CG   C N N 63  
ASP OD1  O N N 64  
ASP OD2  O N N 65  
ASP OXT  O N N 66  
ASP H    H N N 67  
ASP H2   H N N 68  
ASP HA   H N N 69  
ASP HB2  H N N 70  
ASP HB3  H N N 71  
ASP HD2  H N N 72  
ASP HXT  H N N 73  
CYS N    N N N 74  
CYS CA   C N R 75  
CYS C    C N N 76  
CYS O    O N N 77  
CYS CB   C N N 78  
CYS SG   S N N 79  
CYS OXT  O N N 80  
CYS H    H N N 81  
CYS H2   H N N 82  
CYS HA   H N N 83  
CYS HB2  H N N 84  
CYS HB3  H N N 85  
CYS HG   H N N 86  
CYS HXT  H N N 87  
GLN N    N N N 88  
GLN CA   C N S 89  
GLN C    C N N 90  
GLN O    O N N 91  
GLN CB   C N N 92  
GLN CG   C N N 93  
GLN CD   C N N 94  
GLN OE1  O N N 95  
GLN NE2  N N N 96  
GLN OXT  O N N 97  
GLN H    H N N 98  
GLN H2   H N N 99  
GLN HA   H N N 100 
GLN HB2  H N N 101 
GLN HB3  H N N 102 
GLN HG2  H N N 103 
GLN HG3  H N N 104 
GLN HE21 H N N 105 
GLN HE22 H N N 106 
GLN HXT  H N N 107 
GLU N    N N N 108 
GLU CA   C N S 109 
GLU C    C N N 110 
GLU O    O N N 111 
GLU CB   C N N 112 
GLU CG   C N N 113 
GLU CD   C N N 114 
GLU OE1  O N N 115 
GLU OE2  O N N 116 
GLU OXT  O N N 117 
GLU H    H N N 118 
GLU H2   H N N 119 
GLU HA   H N N 120 
GLU HB2  H N N 121 
GLU HB3  H N N 122 
GLU HG2  H N N 123 
GLU HG3  H N N 124 
GLU HE2  H N N 125 
GLU HXT  H N N 126 
GLY N    N N N 127 
GLY CA   C N N 128 
GLY C    C N N 129 
GLY O    O N N 130 
GLY OXT  O N N 131 
GLY H    H N N 132 
GLY H2   H N N 133 
GLY HA2  H N N 134 
GLY HA3  H N N 135 
GLY HXT  H N N 136 
HIS N    N N N 137 
HIS CA   C N S 138 
HIS C    C N N 139 
HIS O    O N N 140 
HIS CB   C N N 141 
HIS CG   C Y N 142 
HIS ND1  N Y N 143 
HIS CD2  C Y N 144 
HIS CE1  C Y N 145 
HIS NE2  N Y N 146 
HIS OXT  O N N 147 
HIS H    H N N 148 
HIS H2   H N N 149 
HIS HA   H N N 150 
HIS HB2  H N N 151 
HIS HB3  H N N 152 
HIS HD1  H N N 153 
HIS HD2  H N N 154 
HIS HE1  H N N 155 
HIS HE2  H N N 156 
HIS HXT  H N N 157 
HOH O    O N N 158 
HOH H1   H N N 159 
HOH H2   H N N 160 
ILE N    N N N 161 
ILE CA   C N S 162 
ILE C    C N N 163 
ILE O    O N N 164 
ILE CB   C N S 165 
ILE CG1  C N N 166 
ILE CG2  C N N 167 
ILE CD1  C N N 168 
ILE OXT  O N N 169 
ILE H    H N N 170 
ILE H2   H N N 171 
ILE HA   H N N 172 
ILE HB   H N N 173 
ILE HG12 H N N 174 
ILE HG13 H N N 175 
ILE HG21 H N N 176 
ILE HG22 H N N 177 
ILE HG23 H N N 178 
ILE HD11 H N N 179 
ILE HD12 H N N 180 
ILE HD13 H N N 181 
ILE HXT  H N N 182 
LEU N    N N N 183 
LEU CA   C N S 184 
LEU C    C N N 185 
LEU O    O N N 186 
LEU CB   C N N 187 
LEU CG   C N N 188 
LEU CD1  C N N 189 
LEU CD2  C N N 190 
LEU OXT  O N N 191 
LEU H    H N N 192 
LEU H2   H N N 193 
LEU HA   H N N 194 
LEU HB2  H N N 195 
LEU HB3  H N N 196 
LEU HG   H N N 197 
LEU HD11 H N N 198 
LEU HD12 H N N 199 
LEU HD13 H N N 200 
LEU HD21 H N N 201 
LEU HD22 H N N 202 
LEU HD23 H N N 203 
LEU HXT  H N N 204 
LYS N    N N N 205 
LYS CA   C N S 206 
LYS C    C N N 207 
LYS O    O N N 208 
LYS CB   C N N 209 
LYS CG   C N N 210 
LYS CD   C N N 211 
LYS CE   C N N 212 
LYS NZ   N N N 213 
LYS OXT  O N N 214 
LYS H    H N N 215 
LYS H2   H N N 216 
LYS HA   H N N 217 
LYS HB2  H N N 218 
LYS HB3  H N N 219 
LYS HG2  H N N 220 
LYS HG3  H N N 221 
LYS HD2  H N N 222 
LYS HD3  H N N 223 
LYS HE2  H N N 224 
LYS HE3  H N N 225 
LYS HZ1  H N N 226 
LYS HZ2  H N N 227 
LYS HZ3  H N N 228 
LYS HXT  H N N 229 
MET N    N N N 230 
MET CA   C N S 231 
MET C    C N N 232 
MET O    O N N 233 
MET CB   C N N 234 
MET CG   C N N 235 
MET SD   S N N 236 
MET CE   C N N 237 
MET OXT  O N N 238 
MET H    H N N 239 
MET H2   H N N 240 
MET HA   H N N 241 
MET HB2  H N N 242 
MET HB3  H N N 243 
MET HG2  H N N 244 
MET HG3  H N N 245 
MET HE1  H N N 246 
MET HE2  H N N 247 
MET HE3  H N N 248 
MET HXT  H N N 249 
PHE N    N N N 250 
PHE CA   C N S 251 
PHE C    C N N 252 
PHE O    O N N 253 
PHE CB   C N N 254 
PHE CG   C Y N 255 
PHE CD1  C Y N 256 
PHE CD2  C Y N 257 
PHE CE1  C Y N 258 
PHE CE2  C Y N 259 
PHE CZ   C Y N 260 
PHE OXT  O N N 261 
PHE H    H N N 262 
PHE H2   H N N 263 
PHE HA   H N N 264 
PHE HB2  H N N 265 
PHE HB3  H N N 266 
PHE HD1  H N N 267 
PHE HD2  H N N 268 
PHE HE1  H N N 269 
PHE HE2  H N N 270 
PHE HZ   H N N 271 
PHE HXT  H N N 272 
PRO N    N N N 273 
PRO CA   C N S 274 
PRO C    C N N 275 
PRO O    O N N 276 
PRO CB   C N N 277 
PRO CG   C N N 278 
PRO CD   C N N 279 
PRO OXT  O N N 280 
PRO H    H N N 281 
PRO HA   H N N 282 
PRO HB2  H N N 283 
PRO HB3  H N N 284 
PRO HG2  H N N 285 
PRO HG3  H N N 286 
PRO HD2  H N N 287 
PRO HD3  H N N 288 
PRO HXT  H N N 289 
SER N    N N N 290 
SER CA   C N S 291 
SER C    C N N 292 
SER O    O N N 293 
SER CB   C N N 294 
SER OG   O N N 295 
SER OXT  O N N 296 
SER H    H N N 297 
SER H2   H N N 298 
SER HA   H N N 299 
SER HB2  H N N 300 
SER HB3  H N N 301 
SER HG   H N N 302 
SER HXT  H N N 303 
THR N    N N N 304 
THR CA   C N S 305 
THR C    C N N 306 
THR O    O N N 307 
THR CB   C N R 308 
THR OG1  O N N 309 
THR CG2  C N N 310 
THR OXT  O N N 311 
THR H    H N N 312 
THR H2   H N N 313 
THR HA   H N N 314 
THR HB   H N N 315 
THR HG1  H N N 316 
THR HG21 H N N 317 
THR HG22 H N N 318 
THR HG23 H N N 319 
THR HXT  H N N 320 
TRP N    N N N 321 
TRP CA   C N S 322 
TRP C    C N N 323 
TRP O    O N N 324 
TRP CB   C N N 325 
TRP CG   C Y N 326 
TRP CD1  C Y N 327 
TRP CD2  C Y N 328 
TRP NE1  N Y N 329 
TRP CE2  C Y N 330 
TRP CE3  C Y N 331 
TRP CZ2  C Y N 332 
TRP CZ3  C Y N 333 
TRP CH2  C Y N 334 
TRP OXT  O N N 335 
TRP H    H N N 336 
TRP H2   H N N 337 
TRP HA   H N N 338 
TRP HB2  H N N 339 
TRP HB3  H N N 340 
TRP HD1  H N N 341 
TRP HE1  H N N 342 
TRP HE3  H N N 343 
TRP HZ2  H N N 344 
TRP HZ3  H N N 345 
TRP HH2  H N N 346 
TRP HXT  H N N 347 
TYR N    N N N 348 
TYR CA   C N S 349 
TYR C    C N N 350 
TYR O    O N N 351 
TYR CB   C N N 352 
TYR CG   C Y N 353 
TYR CD1  C Y N 354 
TYR CD2  C Y N 355 
TYR CE1  C Y N 356 
TYR CE2  C Y N 357 
TYR CZ   C Y N 358 
TYR OH   O N N 359 
TYR OXT  O N N 360 
TYR H    H N N 361 
TYR H2   H N N 362 
TYR HA   H N N 363 
TYR HB2  H N N 364 
TYR HB3  H N N 365 
TYR HD1  H N N 366 
TYR HD2  H N N 367 
TYR HE1  H N N 368 
TYR HE2  H N N 369 
TYR HH   H N N 370 
TYR HXT  H N N 371 
VAL N    N N N 372 
VAL CA   C N S 373 
VAL C    C N N 374 
VAL O    O N N 375 
VAL CB   C N N 376 
VAL CG1  C N N 377 
VAL CG2  C N N 378 
VAL OXT  O N N 379 
VAL H    H N N 380 
VAL H2   H N N 381 
VAL HA   H N N 382 
VAL HB   H N N 383 
VAL HG11 H N N 384 
VAL HG12 H N N 385 
VAL HG13 H N N 386 
VAL HG21 H N N 387 
VAL HG22 H N N 388 
VAL HG23 H N N 389 
VAL HXT  H N N 390 
# 
loop_
_chem_comp_bond.comp_id 
_chem_comp_bond.atom_id_1 
_chem_comp_bond.atom_id_2 
_chem_comp_bond.value_order 
_chem_comp_bond.pdbx_aromatic_flag 
_chem_comp_bond.pdbx_stereo_config 
_chem_comp_bond.pdbx_ordinal 
ALA N   CA   sing N N 1   
ALA N   H    sing N N 2   
ALA N   H2   sing N N 3   
ALA CA  C    sing N N 4   
ALA CA  CB   sing N N 5   
ALA CA  HA   sing N N 6   
ALA C   O    doub N N 7   
ALA C   OXT  sing N N 8   
ALA CB  HB1  sing N N 9   
ALA CB  HB2  sing N N 10  
ALA CB  HB3  sing N N 11  
ALA OXT HXT  sing N N 12  
ARG N   CA   sing N N 13  
ARG N   H    sing N N 14  
ARG N   H2   sing N N 15  
ARG CA  C    sing N N 16  
ARG CA  CB   sing N N 17  
ARG CA  HA   sing N N 18  
ARG C   O    doub N N 19  
ARG C   OXT  sing N N 20  
ARG CB  CG   sing N N 21  
ARG CB  HB2  sing N N 22  
ARG CB  HB3  sing N N 23  
ARG CG  CD   sing N N 24  
ARG CG  HG2  sing N N 25  
ARG CG  HG3  sing N N 26  
ARG CD  NE   sing N N 27  
ARG CD  HD2  sing N N 28  
ARG CD  HD3  sing N N 29  
ARG NE  CZ   sing N N 30  
ARG NE  HE   sing N N 31  
ARG CZ  NH1  sing N N 32  
ARG CZ  NH2  doub N N 33  
ARG NH1 HH11 sing N N 34  
ARG NH1 HH12 sing N N 35  
ARG NH2 HH21 sing N N 36  
ARG NH2 HH22 sing N N 37  
ARG OXT HXT  sing N N 38  
ASN N   CA   sing N N 39  
ASN N   H    sing N N 40  
ASN N   H2   sing N N 41  
ASN CA  C    sing N N 42  
ASN CA  CB   sing N N 43  
ASN CA  HA   sing N N 44  
ASN C   O    doub N N 45  
ASN C   OXT  sing N N 46  
ASN CB  CG   sing N N 47  
ASN CB  HB2  sing N N 48  
ASN CB  HB3  sing N N 49  
ASN CG  OD1  doub N N 50  
ASN CG  ND2  sing N N 51  
ASN ND2 HD21 sing N N 52  
ASN ND2 HD22 sing N N 53  
ASN OXT HXT  sing N N 54  
ASP N   CA   sing N N 55  
ASP N   H    sing N N 56  
ASP N   H2   sing N N 57  
ASP CA  C    sing N N 58  
ASP CA  CB   sing N N 59  
ASP CA  HA   sing N N 60  
ASP C   O    doub N N 61  
ASP C   OXT  sing N N 62  
ASP CB  CG   sing N N 63  
ASP CB  HB2  sing N N 64  
ASP CB  HB3  sing N N 65  
ASP CG  OD1  doub N N 66  
ASP CG  OD2  sing N N 67  
ASP OD2 HD2  sing N N 68  
ASP OXT HXT  sing N N 69  
CYS N   CA   sing N N 70  
CYS N   H    sing N N 71  
CYS N   H2   sing N N 72  
CYS CA  C    sing N N 73  
CYS CA  CB   sing N N 74  
CYS CA  HA   sing N N 75  
CYS C   O    doub N N 76  
CYS C   OXT  sing N N 77  
CYS CB  SG   sing N N 78  
CYS CB  HB2  sing N N 79  
CYS CB  HB3  sing N N 80  
CYS SG  HG   sing N N 81  
CYS OXT HXT  sing N N 82  
GLN N   CA   sing N N 83  
GLN N   H    sing N N 84  
GLN N   H2   sing N N 85  
GLN CA  C    sing N N 86  
GLN CA  CB   sing N N 87  
GLN CA  HA   sing N N 88  
GLN C   O    doub N N 89  
GLN C   OXT  sing N N 90  
GLN CB  CG   sing N N 91  
GLN CB  HB2  sing N N 92  
GLN CB  HB3  sing N N 93  
GLN CG  CD   sing N N 94  
GLN CG  HG2  sing N N 95  
GLN CG  HG3  sing N N 96  
GLN CD  OE1  doub N N 97  
GLN CD  NE2  sing N N 98  
GLN NE2 HE21 sing N N 99  
GLN NE2 HE22 sing N N 100 
GLN OXT HXT  sing N N 101 
GLU N   CA   sing N N 102 
GLU N   H    sing N N 103 
GLU N   H2   sing N N 104 
GLU CA  C    sing N N 105 
GLU CA  CB   sing N N 106 
GLU CA  HA   sing N N 107 
GLU C   O    doub N N 108 
GLU C   OXT  sing N N 109 
GLU CB  CG   sing N N 110 
GLU CB  HB2  sing N N 111 
GLU CB  HB3  sing N N 112 
GLU CG  CD   sing N N 113 
GLU CG  HG2  sing N N 114 
GLU CG  HG3  sing N N 115 
GLU CD  OE1  doub N N 116 
GLU CD  OE2  sing N N 117 
GLU OE2 HE2  sing N N 118 
GLU OXT HXT  sing N N 119 
GLY N   CA   sing N N 120 
GLY N   H    sing N N 121 
GLY N   H2   sing N N 122 
GLY CA  C    sing N N 123 
GLY CA  HA2  sing N N 124 
GLY CA  HA3  sing N N 125 
GLY C   O    doub N N 126 
GLY C   OXT  sing N N 127 
GLY OXT HXT  sing N N 128 
HIS N   CA   sing N N 129 
HIS N   H    sing N N 130 
HIS N   H2   sing N N 131 
HIS CA  C    sing N N 132 
HIS CA  CB   sing N N 133 
HIS CA  HA   sing N N 134 
HIS C   O    doub N N 135 
HIS C   OXT  sing N N 136 
HIS CB  CG   sing N N 137 
HIS CB  HB2  sing N N 138 
HIS CB  HB3  sing N N 139 
HIS CG  ND1  sing Y N 140 
HIS CG  CD2  doub Y N 141 
HIS ND1 CE1  doub Y N 142 
HIS ND1 HD1  sing N N 143 
HIS CD2 NE2  sing Y N 144 
HIS CD2 HD2  sing N N 145 
HIS CE1 NE2  sing Y N 146 
HIS CE1 HE1  sing N N 147 
HIS NE2 HE2  sing N N 148 
HIS OXT HXT  sing N N 149 
HOH O   H1   sing N N 150 
HOH O   H2   sing N N 151 
ILE N   CA   sing N N 152 
ILE N   H    sing N N 153 
ILE N   H2   sing N N 154 
ILE CA  C    sing N N 155 
ILE CA  CB   sing N N 156 
ILE CA  HA   sing N N 157 
ILE C   O    doub N N 158 
ILE C   OXT  sing N N 159 
ILE CB  CG1  sing N N 160 
ILE CB  CG2  sing N N 161 
ILE CB  HB   sing N N 162 
ILE CG1 CD1  sing N N 163 
ILE CG1 HG12 sing N N 164 
ILE CG1 HG13 sing N N 165 
ILE CG2 HG21 sing N N 166 
ILE CG2 HG22 sing N N 167 
ILE CG2 HG23 sing N N 168 
ILE CD1 HD11 sing N N 169 
ILE CD1 HD12 sing N N 170 
ILE CD1 HD13 sing N N 171 
ILE OXT HXT  sing N N 172 
LEU N   CA   sing N N 173 
LEU N   H    sing N N 174 
LEU N   H2   sing N N 175 
LEU CA  C    sing N N 176 
LEU CA  CB   sing N N 177 
LEU CA  HA   sing N N 178 
LEU C   O    doub N N 179 
LEU C   OXT  sing N N 180 
LEU CB  CG   sing N N 181 
LEU CB  HB2  sing N N 182 
LEU CB  HB3  sing N N 183 
LEU CG  CD1  sing N N 184 
LEU CG  CD2  sing N N 185 
LEU CG  HG   sing N N 186 
LEU CD1 HD11 sing N N 187 
LEU CD1 HD12 sing N N 188 
LEU CD1 HD13 sing N N 189 
LEU CD2 HD21 sing N N 190 
LEU CD2 HD22 sing N N 191 
LEU CD2 HD23 sing N N 192 
LEU OXT HXT  sing N N 193 
LYS N   CA   sing N N 194 
LYS N   H    sing N N 195 
LYS N   H2   sing N N 196 
LYS CA  C    sing N N 197 
LYS CA  CB   sing N N 198 
LYS CA  HA   sing N N 199 
LYS C   O    doub N N 200 
LYS C   OXT  sing N N 201 
LYS CB  CG   sing N N 202 
LYS CB  HB2  sing N N 203 
LYS CB  HB3  sing N N 204 
LYS CG  CD   sing N N 205 
LYS CG  HG2  sing N N 206 
LYS CG  HG3  sing N N 207 
LYS CD  CE   sing N N 208 
LYS CD  HD2  sing N N 209 
LYS CD  HD3  sing N N 210 
LYS CE  NZ   sing N N 211 
LYS CE  HE2  sing N N 212 
LYS CE  HE3  sing N N 213 
LYS NZ  HZ1  sing N N 214 
LYS NZ  HZ2  sing N N 215 
LYS NZ  HZ3  sing N N 216 
LYS OXT HXT  sing N N 217 
MET N   CA   sing N N 218 
MET N   H    sing N N 219 
MET N   H2   sing N N 220 
MET CA  C    sing N N 221 
MET CA  CB   sing N N 222 
MET CA  HA   sing N N 223 
MET C   O    doub N N 224 
MET C   OXT  sing N N 225 
MET CB  CG   sing N N 226 
MET CB  HB2  sing N N 227 
MET CB  HB3  sing N N 228 
MET CG  SD   sing N N 229 
MET CG  HG2  sing N N 230 
MET CG  HG3  sing N N 231 
MET SD  CE   sing N N 232 
MET CE  HE1  sing N N 233 
MET CE  HE2  sing N N 234 
MET CE  HE3  sing N N 235 
MET OXT HXT  sing N N 236 
PHE N   CA   sing N N 237 
PHE N   H    sing N N 238 
PHE N   H2   sing N N 239 
PHE CA  C    sing N N 240 
PHE CA  CB   sing N N 241 
PHE CA  HA   sing N N 242 
PHE C   O    doub N N 243 
PHE C   OXT  sing N N 244 
PHE CB  CG   sing N N 245 
PHE CB  HB2  sing N N 246 
PHE CB  HB3  sing N N 247 
PHE CG  CD1  doub Y N 248 
PHE CG  CD2  sing Y N 249 
PHE CD1 CE1  sing Y N 250 
PHE CD1 HD1  sing N N 251 
PHE CD2 CE2  doub Y N 252 
PHE CD2 HD2  sing N N 253 
PHE CE1 CZ   doub Y N 254 
PHE CE1 HE1  sing N N 255 
PHE CE2 CZ   sing Y N 256 
PHE CE2 HE2  sing N N 257 
PHE CZ  HZ   sing N N 258 
PHE OXT HXT  sing N N 259 
PRO N   CA   sing N N 260 
PRO N   CD   sing N N 261 
PRO N   H    sing N N 262 
PRO CA  C    sing N N 263 
PRO CA  CB   sing N N 264 
PRO CA  HA   sing N N 265 
PRO C   O    doub N N 266 
PRO C   OXT  sing N N 267 
PRO CB  CG   sing N N 268 
PRO CB  HB2  sing N N 269 
PRO CB  HB3  sing N N 270 
PRO CG  CD   sing N N 271 
PRO CG  HG2  sing N N 272 
PRO CG  HG3  sing N N 273 
PRO CD  HD2  sing N N 274 
PRO CD  HD3  sing N N 275 
PRO OXT HXT  sing N N 276 
SER N   CA   sing N N 277 
SER N   H    sing N N 278 
SER N   H2   sing N N 279 
SER CA  C    sing N N 280 
SER CA  CB   sing N N 281 
SER CA  HA   sing N N 282 
SER C   O    doub N N 283 
SER C   OXT  sing N N 284 
SER CB  OG   sing N N 285 
SER CB  HB2  sing N N 286 
SER CB  HB3  sing N N 287 
SER OG  HG   sing N N 288 
SER OXT HXT  sing N N 289 
THR N   CA   sing N N 290 
THR N   H    sing N N 291 
THR N   H2   sing N N 292 
THR CA  C    sing N N 293 
THR CA  CB   sing N N 294 
THR CA  HA   sing N N 295 
THR C   O    doub N N 296 
THR C   OXT  sing N N 297 
THR CB  OG1  sing N N 298 
THR CB  CG2  sing N N 299 
THR CB  HB   sing N N 300 
THR OG1 HG1  sing N N 301 
THR CG2 HG21 sing N N 302 
THR CG2 HG22 sing N N 303 
THR CG2 HG23 sing N N 304 
THR OXT HXT  sing N N 305 
TRP N   CA   sing N N 306 
TRP N   H    sing N N 307 
TRP N   H2   sing N N 308 
TRP CA  C    sing N N 309 
TRP CA  CB   sing N N 310 
TRP CA  HA   sing N N 311 
TRP C   O    doub N N 312 
TRP C   OXT  sing N N 313 
TRP CB  CG   sing N N 314 
TRP CB  HB2  sing N N 315 
TRP CB  HB3  sing N N 316 
TRP CG  CD1  doub Y N 317 
TRP CG  CD2  sing Y N 318 
TRP CD1 NE1  sing Y N 319 
TRP CD1 HD1  sing N N 320 
TRP CD2 CE2  doub Y N 321 
TRP CD2 CE3  sing Y N 322 
TRP NE1 CE2  sing Y N 323 
TRP NE1 HE1  sing N N 324 
TRP CE2 CZ2  sing Y N 325 
TRP CE3 CZ3  doub Y N 326 
TRP CE3 HE3  sing N N 327 
TRP CZ2 CH2  doub Y N 328 
TRP CZ2 HZ2  sing N N 329 
TRP CZ3 CH2  sing Y N 330 
TRP CZ3 HZ3  sing N N 331 
TRP CH2 HH2  sing N N 332 
TRP OXT HXT  sing N N 333 
TYR N   CA   sing N N 334 
TYR N   H    sing N N 335 
TYR N   H2   sing N N 336 
TYR CA  C    sing N N 337 
TYR CA  CB   sing N N 338 
TYR CA  HA   sing N N 339 
TYR C   O    doub N N 340 
TYR C   OXT  sing N N 341 
TYR CB  CG   sing N N 342 
TYR CB  HB2  sing N N 343 
TYR CB  HB3  sing N N 344 
TYR CG  CD1  doub Y N 345 
TYR CG  CD2  sing Y N 346 
TYR CD1 CE1  sing Y N 347 
TYR CD1 HD1  sing N N 348 
TYR CD2 CE2  doub Y N 349 
TYR CD2 HD2  sing N N 350 
TYR CE1 CZ   doub Y N 351 
TYR CE1 HE1  sing N N 352 
TYR CE2 CZ   sing Y N 353 
TYR CE2 HE2  sing N N 354 
TYR CZ  OH   sing N N 355 
TYR OH  HH   sing N N 356 
TYR OXT HXT  sing N N 357 
VAL N   CA   sing N N 358 
VAL N   H    sing N N 359 
VAL N   H2   sing N N 360 
VAL CA  C    sing N N 361 
VAL CA  CB   sing N N 362 
VAL CA  HA   sing N N 363 
VAL C   O    doub N N 364 
VAL C   OXT  sing N N 365 
VAL CB  CG1  sing N N 366 
VAL CB  CG2  sing N N 367 
VAL CB  HB   sing N N 368 
VAL CG1 HG11 sing N N 369 
VAL CG1 HG12 sing N N 370 
VAL CG1 HG13 sing N N 371 
VAL CG2 HG21 sing N N 372 
VAL CG2 HG22 sing N N 373 
VAL CG2 HG23 sing N N 374 
VAL OXT HXT  sing N N 375 
# 
_atom_sites.entry_id                    2Z17 
_atom_sites.fract_transf_matrix[1][1]   -0.01192463 
_atom_sites.fract_transf_matrix[1][2]   -0.00091021 
_atom_sites.fract_transf_matrix[1][3]   0.01280055 
_atom_sites.fract_transf_matrix[2][1]   -0.01593152 
_atom_sites.fract_transf_matrix[2][2]   -0.00648349 
_atom_sites.fract_transf_matrix[2][3]   -0.00331606 
_atom_sites.fract_transf_matrix[3][1]   0.00399127 
_atom_sites.fract_transf_matrix[3][2]   -0.01129832 
_atom_sites.fract_transf_matrix[3][3]   0.00291477 
_atom_sites.fract_transf_vector[1]      0.040174 
_atom_sites.fract_transf_vector[2]      -0.310661 
_atom_sites.fract_transf_vector[3]      0.025399 
# 
loop_
_atom_type.symbol 
C 
N 
O 
S 
# 
loop_
_atom_site.group_PDB 
_atom_site.id 
_atom_site.type_symbol 
_atom_site.label_atom_id 
_atom_site.label_alt_id 
_atom_site.label_comp_id 
_atom_site.label_asym_id 
_atom_site.label_entity_id 
_atom_site.label_seq_id 
_atom_site.pdbx_PDB_ins_code 
_atom_site.Cartn_x 
_atom_site.Cartn_y 
_atom_site.Cartn_z 
_atom_site.occupancy 
_atom_site.B_iso_or_equiv 
_atom_site.pdbx_formal_charge 
_atom_site.auth_seq_id 
_atom_site.auth_comp_id 
_atom_site.auth_asym_id 
_atom_site.auth_atom_id 
_atom_site.pdbx_PDB_model_num 
ATOM   1   N N   . PHE A 1 11  ? 11.963  10.416  8.196   1.00 84.63 ? 11  PHE A N   1 
ATOM   2   C CA  . PHE A 1 11  ? 11.527  9.275   7.340   1.00 84.67 ? 11  PHE A CA  1 
ATOM   3   C C   . PHE A 1 11  ? 12.549  8.988   6.240   1.00 85.51 ? 11  PHE A C   1 
ATOM   4   O O   . PHE A 1 11  ? 13.076  7.866   6.141   1.00 84.81 ? 11  PHE A O   1 
ATOM   5   C CB  . PHE A 1 11  ? 10.167  9.579   6.702   1.00 83.16 ? 11  PHE A CB  1 
ATOM   6   C CG  . PHE A 1 11  ? 9.504   8.371   6.116   1.00 82.25 ? 11  PHE A CG  1 
ATOM   7   C CD1 . PHE A 1 11  ? 10.044  7.739   4.993   1.00 81.56 ? 11  PHE A CD1 1 
ATOM   8   C CD2 . PHE A 1 11  ? 8.382   7.818   6.727   1.00 80.97 ? 11  PHE A CD2 1 
ATOM   9   C CE1 . PHE A 1 11  ? 9.487   6.581   4.494   1.00 80.81 ? 11  PHE A CE1 1 
ATOM   10  C CE2 . PHE A 1 11  ? 7.814   6.656   6.239   1.00 80.59 ? 11  PHE A CE2 1 
ATOM   11  C CZ  . PHE A 1 11  ? 8.371   6.033   5.116   1.00 81.91 ? 11  PHE A CZ  1 
ATOM   12  N N   . SER A 1 12  ? 12.793  10.014  5.417   1.00 85.90 ? 12  SER A N   1 
ATOM   13  C CA  . SER A 1 12  ? 13.747  9.967   4.303   1.00 85.65 ? 12  SER A CA  1 
ATOM   14  C C   . SER A 1 12  ? 14.181  8.544   3.927   1.00 85.05 ? 12  SER A C   1 
ATOM   15  O O   . SER A 1 12  ? 15.254  8.068   4.305   1.00 84.97 ? 12  SER A O   1 
ATOM   16  C CB  . SER A 1 12  ? 14.972  10.852  4.628   1.00 85.57 ? 12  SER A CB  1 
ATOM   17  O OG  . SER A 1 12  ? 15.244  10.879  6.022   1.00 84.32 ? 12  SER A OG  1 
ATOM   18  N N   . TRP A 1 13  ? 13.324  7.871   3.174   1.00 84.49 ? 13  TRP A N   1 
ATOM   19  C CA  . TRP A 1 13  ? 13.585  6.509   2.751   1.00 83.10 ? 13  TRP A CA  1 
ATOM   20  C C   . TRP A 1 13  ? 12.506  6.035   1.738   1.00 81.67 ? 13  TRP A C   1 
ATOM   21  O O   . TRP A 1 13  ? 11.500  6.715   1.492   1.00 80.19 ? 13  TRP A O   1 
ATOM   22  C CB  . TRP A 1 13  ? 13.671  5.605   4.011   1.00 84.36 ? 13  TRP A CB  1 
ATOM   23  C CG  . TRP A 1 13  ? 13.343  4.167   3.770   1.00 86.37 ? 13  TRP A CG  1 
ATOM   24  C CD1 . TRP A 1 13  ? 12.363  3.437   4.391   1.00 87.38 ? 13  TRP A CD1 1 
ATOM   25  C CD2 . TRP A 1 13  ? 13.820  3.356   2.691   1.00 87.20 ? 13  TRP A CD2 1 
ATOM   26  N NE1 . TRP A 1 13  ? 12.183  2.234   3.746   1.00 87.68 ? 13  TRP A NE1 1 
ATOM   27  C CE2 . TRP A 1 13  ? 13.063  2.163   2.697   1.00 87.90 ? 13  TRP A CE2 1 
ATOM   28  C CE3 . TRP A 1 13  ? 14.804  3.530   1.706   1.00 87.63 ? 13  TRP A CE3 1 
ATOM   29  C CZ2 . TRP A 1 13  ? 13.255  1.154   1.749   1.00 88.54 ? 13  TRP A CZ2 1 
ATOM   30  C CZ3 . TRP A 1 13  ? 14.990  2.528   0.763   1.00 88.74 ? 13  TRP A CZ3 1 
ATOM   31  C CH2 . TRP A 1 13  ? 14.218  1.355   0.792   1.00 88.36 ? 13  TRP A CH2 1 
ATOM   32  N N   . SER A 1 14  ? 12.781  4.881   1.133   1.00 79.84 ? 14  SER A N   1 
ATOM   33  C CA  . SER A 1 14  ? 11.966  4.188   0.143   1.00 76.79 ? 14  SER A CA  1 
ATOM   34  C C   . SER A 1 14  ? 11.642  4.999   -1.097  1.00 74.76 ? 14  SER A C   1 
ATOM   35  O O   . SER A 1 14  ? 11.032  6.068   -1.047  1.00 74.03 ? 14  SER A O   1 
ATOM   36  C CB  . SER A 1 14  ? 10.710  3.607   0.787   1.00 75.90 ? 14  SER A CB  1 
ATOM   37  O OG  . SER A 1 14  ? 10.163  4.486   1.744   1.00 76.39 ? 14  SER A OG  1 
ATOM   38  N N   . GLN A 1 15  ? 12.101  4.455   -2.216  1.00 72.45 ? 15  GLN A N   1 
ATOM   39  C CA  . GLN A 1 15  ? 11.937  5.052   -3.523  1.00 70.24 ? 15  GLN A CA  1 
ATOM   40  C C   . GLN A 1 15  ? 10.506  5.488   -3.766  1.00 67.19 ? 15  GLN A C   1 
ATOM   41  O O   . GLN A 1 15  ? 9.642   4.648   -4.000  1.00 68.58 ? 15  GLN A O   1 
ATOM   42  C CB  . GLN A 1 15  ? 12.377  4.042   -4.592  1.00 71.59 ? 15  GLN A CB  1 
ATOM   43  C CG  . GLN A 1 15  ? 13.881  3.733   -4.572  1.00 72.55 ? 15  GLN A CG  1 
ATOM   44  C CD  . GLN A 1 15  ? 14.746  4.901   -5.068  1.00 72.18 ? 15  GLN A CD  1 
ATOM   45  O OE1 . GLN A 1 15  ? 14.976  5.058   -6.273  1.00 70.52 ? 15  GLN A OE1 1 
ATOM   46  N NE2 . GLN A 1 15  ? 15.213  5.730   -4.135  1.00 71.87 ? 15  GLN A NE2 1 
ATOM   47  N N   . ARG A 1 16  ? 10.252  6.793   -3.707  1.00 62.60 ? 16  ARG A N   1 
ATOM   48  C CA  . ARG A 1 16  ? 8.903   7.300   -3.945  1.00 58.74 ? 16  ARG A CA  1 
ATOM   49  C C   . ARG A 1 16  ? 8.446   6.897   -5.337  1.00 53.97 ? 16  ARG A C   1 
ATOM   50  O O   . ARG A 1 16  ? 9.038   7.306   -6.335  1.00 53.91 ? 16  ARG A O   1 
ATOM   51  C CB  . ARG A 1 16  ? 8.850   8.825   -3.832  1.00 59.81 ? 16  ARG A CB  1 
ATOM   52  C CG  . ARG A 1 16  ? 9.144   9.354   -2.457  1.00 63.24 ? 16  ARG A CG  1 
ATOM   53  C CD  . ARG A 1 16  ? 8.617   10.772  -2.298  1.00 66.23 ? 16  ARG A CD  1 
ATOM   54  N NE  . ARG A 1 16  ? 7.156   10.802  -2.306  1.00 67.44 ? 16  ARG A NE  1 
ATOM   55  C CZ  . ARG A 1 16  ? 6.441   11.917  -2.378  1.00 68.06 ? 16  ARG A CZ  1 
ATOM   56  N NH1 . ARG A 1 16  ? 7.053   13.092  -2.452  1.00 68.87 ? 16  ARG A NH1 1 
ATOM   57  N NH2 . ARG A 1 16  ? 5.117   11.859  -2.373  1.00 68.87 ? 16  ARG A NH2 1 
ATOM   58  N N   . LYS A 1 17  ? 7.398   6.091   -5.403  1.00 47.77 ? 17  LYS A N   1 
ATOM   59  C CA  . LYS A 1 17  ? 6.895   5.656   -6.680  1.00 43.59 ? 17  LYS A CA  1 
ATOM   60  C C   . LYS A 1 17  ? 5.413   5.899   -6.909  1.00 42.01 ? 17  LYS A C   1 
ATOM   61  O O   . LYS A 1 17  ? 4.608   6.007   -5.981  1.00 41.10 ? 17  LYS A O   1 
ATOM   62  C CB  . LYS A 1 17  ? 7.185   4.179   -6.904  1.00 42.59 ? 17  LYS A CB  1 
ATOM   63  C CG  . LYS A 1 17  ? 7.812   3.440   -5.752  1.00 42.40 ? 17  LYS A CG  1 
ATOM   64  C CD  . LYS A 1 17  ? 7.854   1.948   -6.075  1.00 42.97 ? 17  LYS A CD  1 
ATOM   65  C CE  . LYS A 1 17  ? 8.659   1.166   -5.072  1.00 41.51 ? 17  LYS A CE  1 
ATOM   66  N NZ  . LYS A 1 17  ? 8.726   -0.278  -5.473  1.00 42.72 ? 17  LYS A NZ  1 
ATOM   67  N N   . LEU A 1 18  ? 5.069   5.975   -8.183  1.00 40.41 ? 18  LEU A N   1 
ATOM   68  C CA  . LEU A 1 18  ? 3.709   6.190   -8.626  1.00 38.88 ? 18  LEU A CA  1 
ATOM   69  C C   . LEU A 1 18  ? 3.466   5.058   -9.590  1.00 38.43 ? 18  LEU A C   1 
ATOM   70  O O   . LEU A 1 18  ? 3.841   5.109   -10.764 1.00 39.33 ? 18  LEU A O   1 
ATOM   71  C CB  . LEU A 1 18  ? 3.609   7.541   -9.320  1.00 38.78 ? 18  LEU A CB  1 
ATOM   72  C CG  . LEU A 1 18  ? 2.228   8.055   -9.691  1.00 40.83 ? 18  LEU A CG  1 
ATOM   73  C CD1 . LEU A 1 18  ? 1.155   7.451   -8.802  1.00 38.28 ? 18  LEU A CD1 1 
ATOM   74  C CD2 . LEU A 1 18  ? 2.265   9.580   -9.582  1.00 41.46 ? 18  LEU A CD2 1 
ATOM   75  N N   . VAL A 1 19  ? 2.832   4.021   -9.086  1.00 38.24 ? 19  VAL A N   1 
ATOM   76  C CA  . VAL A 1 19  ? 2.592   2.850   -9.884  1.00 37.93 ? 19  VAL A CA  1 
ATOM   77  C C   . VAL A 1 19  ? 1.134   2.504   -10.144 1.00 37.94 ? 19  VAL A C   1 
ATOM   78  O O   . VAL A 1 19  ? 0.256   2.901   -9.401  1.00 41.10 ? 19  VAL A O   1 
ATOM   79  C CB  . VAL A 1 19  ? 3.315   1.719   -9.213  1.00 37.44 ? 19  VAL A CB  1 
ATOM   80  C CG1 . VAL A 1 19  ? 3.031   0.388   -9.897  1.00 36.67 ? 19  VAL A CG1 1 
ATOM   81  C CG2 . VAL A 1 19  ? 4.794   2.062   -9.225  1.00 35.72 ? 19  VAL A CG2 1 
ATOM   82  N N   . THR A 1 20  ? 0.878   1.776   -11.222 1.00 37.71 ? 20  THR A N   1 
ATOM   83  C CA  . THR A 1 20  ? -0.476  1.372   -11.539 1.00 36.88 ? 20  THR A CA  1 
ATOM   84  C C   . THR A 1 20  ? -0.537  -0.075  -11.921 1.00 36.69 ? 20  THR A C   1 
ATOM   85  O O   . THR A 1 20  ? -0.016  -0.454  -12.944 1.00 39.02 ? 20  THR A O   1 
ATOM   86  C CB  . THR A 1 20  ? -1.024  2.177   -12.666 1.00 37.01 ? 20  THR A CB  1 
ATOM   87  O OG1 . THR A 1 20  ? -1.308  3.496   -12.186 1.00 38.87 ? 20  THR A OG1 1 
ATOM   88  C CG2 . THR A 1 20  ? -2.281  1.539   -13.194 1.00 38.70 ? 20  THR A CG2 1 
ATOM   89  N N   . VAL A 1 21  ? -1.198  -0.871  -11.097 1.00 36.09 ? 21  VAL A N   1 
ATOM   90  C CA  . VAL A 1 21  ? -1.323  -2.305  -11.306 1.00 37.54 ? 21  VAL A CA  1 
ATOM   91  C C   . VAL A 1 21  ? -2.669  -2.794  -11.832 1.00 38.73 ? 21  VAL A C   1 
ATOM   92  O O   . VAL A 1 21  ? -3.726  -2.352  -11.372 1.00 40.91 ? 21  VAL A O   1 
ATOM   93  C CB  . VAL A 1 21  ? -1.116  -3.063  -9.979  1.00 38.48 ? 21  VAL A CB  1 
ATOM   94  C CG1 . VAL A 1 21  ? -1.047  -4.548  -10.245 1.00 38.02 ? 21  VAL A CG1 1 
ATOM   95  C CG2 . VAL A 1 21  ? 0.114   -2.555  -9.255  1.00 39.43 ? 21  VAL A CG2 1 
ATOM   96  N N   . GLU A 1 22  ? -2.646  -3.724  -12.779 1.00 38.61 ? 22  GLU A N   1 
ATOM   97  C CA  . GLU A 1 22  ? -3.898  -4.291  -13.266 1.00 37.44 ? 22  GLU A CA  1 
ATOM   98  C C   . GLU A 1 22  ? -3.820  -5.792  -13.097 1.00 34.94 ? 22  GLU A C   1 
ATOM   99  O O   . GLU A 1 22  ? -2.732  -6.351  -13.036 1.00 35.55 ? 22  GLU A O   1 
ATOM   100 C CB  . GLU A 1 22  ? -4.207  -3.913  -14.718 1.00 39.59 ? 22  GLU A CB  1 
ATOM   101 C CG  . GLU A 1 22  ? -3.036  -3.757  -15.637 1.00 48.68 ? 22  GLU A CG  1 
ATOM   102 C CD  . GLU A 1 22  ? -3.448  -3.837  -17.103 1.00 53.88 ? 22  GLU A CD  1 
ATOM   103 O OE1 . GLU A 1 22  ? -2.527  -3.803  -17.961 1.00 56.79 ? 22  GLU A OE1 1 
ATOM   104 O OE2 . GLU A 1 22  ? -4.679  -3.943  -17.389 1.00 53.78 ? 22  GLU A OE2 1 
ATOM   105 N N   . LYS A 1 23  ? -4.968  -6.438  -12.986 1.00 31.52 ? 23  LYS A N   1 
ATOM   106 C CA  . LYS A 1 23  ? -4.971  -7.853  -12.778 1.00 31.02 ? 23  LYS A CA  1 
ATOM   107 C C   . LYS A 1 23  ? -6.179  -8.553  -13.389 1.00 33.27 ? 23  LYS A C   1 
ATOM   108 O O   . LYS A 1 23  ? -7.127  -7.919  -13.864 1.00 32.95 ? 23  LYS A O   1 
ATOM   109 C CB  . LYS A 1 23  ? -4.926  -8.131  -11.282 1.00 31.12 ? 23  LYS A CB  1 
ATOM   110 C CG  . LYS A 1 23  ? -6.258  -7.913  -10.578 1.00 30.72 ? 23  LYS A CG  1 
ATOM   111 C CD  . LYS A 1 23  ? -6.149  -8.071  -9.072  1.00 31.65 ? 23  LYS A CD  1 
ATOM   112 C CE  . LYS A 1 23  ? -7.435  -7.670  -8.378  1.00 29.44 ? 23  LYS A CE  1 
ATOM   113 N NZ  . LYS A 1 23  ? -8.580  -8.310  -9.040  1.00 29.70 ? 23  LYS A NZ  1 
ATOM   114 N N   . GLN A 1 24  ? -6.100  -9.878  -13.362 1.00 35.65 ? 24  GLN A N   1 
ATOM   115 C CA  . GLN A 1 24  ? -7.121  -10.772 -13.856 1.00 40.17 ? 24  GLN A CA  1 
ATOM   116 C C   . GLN A 1 24  ? -8.284  -10.744 -12.869 1.00 41.34 ? 24  GLN A C   1 
ATOM   117 O O   . GLN A 1 24  ? -8.090  -10.704 -11.668 1.00 42.05 ? 24  GLN A O   1 
ATOM   118 C CB  . GLN A 1 24  ? -6.573  -12.204 -13.926 1.00 45.87 ? 24  GLN A CB  1 
ATOM   119 C CG  . GLN A 1 24  ? -5.361  -12.464 -14.849 1.00 50.23 ? 24  GLN A CG  1 
ATOM   120 C CD  . GLN A 1 24  ? -4.771  -13.889 -14.666 1.00 54.08 ? 24  GLN A CD  1 
ATOM   121 O OE1 . GLN A 1 24  ? -3.826  -14.293 -15.375 1.00 53.32 ? 24  GLN A OE1 1 
ATOM   122 N NE2 . GLN A 1 24  ? -5.334  -14.651 -13.706 1.00 53.78 ? 24  GLN A NE2 1 
ATOM   123 N N   . ASP A 1 25  ? -9.494  -10.801 -13.382 1.00 42.82 ? 25  ASP A N   1 
ATOM   124 C CA  . ASP A 1 25  ? -10.674 -10.766 -12.539 1.00 45.30 ? 25  ASP A CA  1 
ATOM   125 C C   . ASP A 1 25  ? -10.712 -11.688 -11.321 1.00 45.27 ? 25  ASP A C   1 
ATOM   126 O O   . ASP A 1 25  ? -11.298 -11.336 -10.305 1.00 46.33 ? 25  ASP A O   1 
ATOM   127 C CB  . ASP A 1 25  ? -11.903 -11.036 -13.401 1.00 47.83 ? 25  ASP A CB  1 
ATOM   128 C CG  . ASP A 1 25  ? -11.938 -10.164 -14.629 1.00 48.85 ? 25  ASP A CG  1 
ATOM   129 O OD1 . ASP A 1 25  ? -12.835 -9.293  -14.714 1.00 49.32 ? 25  ASP A OD1 1 
ATOM   130 O OD2 . ASP A 1 25  ? -11.057 -10.353 -15.499 1.00 49.46 ? 25  ASP A OD2 1 
ATOM   131 N N   . ASN A 1 26  ? -10.116 -12.866 -11.397 1.00 46.02 ? 26  ASN A N   1 
ATOM   132 C CA  . ASN A 1 26  ? -10.188 -13.750 -10.236 1.00 47.00 ? 26  ASN A CA  1 
ATOM   133 C C   . ASN A 1 26  ? -8.864  -14.043 -9.495  1.00 46.75 ? 26  ASN A C   1 
ATOM   134 O O   . ASN A 1 26  ? -8.696  -15.118 -8.905  1.00 47.36 ? 26  ASN A O   1 
ATOM   135 C CB  . ASN A 1 26  ? -10.881 -15.061 -10.638 1.00 47.85 ? 26  ASN A CB  1 
ATOM   136 C CG  . ASN A 1 26  ? -11.703 -15.659 -9.506  1.00 48.93 ? 26  ASN A CG  1 
ATOM   137 O OD1 . ASN A 1 26  ? -12.496 -14.963 -8.862  1.00 50.97 ? 26  ASN A OD1 1 
ATOM   138 N ND2 . ASN A 1 26  ? -11.530 -16.952 -9.265  1.00 48.26 ? 26  ASN A ND2 1 
ATOM   139 N N   . GLU A 1 27  ? -7.934  -13.090 -9.537  1.00 46.25 ? 27  GLU A N   1 
ATOM   140 C CA  . GLU A 1 27  ? -6.648  -13.206 -8.847  1.00 43.84 ? 27  GLU A CA  1 
ATOM   141 C C   . GLU A 1 27  ? -6.455  -11.984 -7.952  1.00 42.37 ? 27  GLU A C   1 
ATOM   142 O O   . GLU A 1 27  ? -7.202  -11.009 -8.049  1.00 41.17 ? 27  GLU A O   1 
ATOM   143 C CB  . GLU A 1 27  ? -5.496  -13.280 -9.840  1.00 42.33 ? 27  GLU A CB  1 
ATOM   144 C CG  . GLU A 1 27  ? -5.347  -12.062 -10.716 1.00 44.23 ? 27  GLU A CG  1 
ATOM   145 C CD  . GLU A 1 27  ? -4.240  -12.222 -11.740 1.00 43.33 ? 27  GLU A CD  1 
ATOM   146 O OE1 . GLU A 1 27  ? -3.643  -13.306 -11.793 1.00 43.93 ? 27  GLU A OE1 1 
ATOM   147 O OE2 . GLU A 1 27  ? -3.963  -11.275 -12.497 1.00 44.01 ? 27  GLU A OE2 1 
ATOM   148 N N   . THR A 1 28  ? -5.465  -12.040 -7.075  1.00 40.64 ? 28  THR A N   1 
ATOM   149 C CA  . THR A 1 28  ? -5.192  -10.901 -6.208  1.00 40.56 ? 28  THR A CA  1 
ATOM   150 C C   . THR A 1 28  ? -4.056  -10.076 -6.851  1.00 39.59 ? 28  THR A C   1 
ATOM   151 O O   . THR A 1 28  ? -3.308  -10.598 -7.700  1.00 40.19 ? 28  THR A O   1 
ATOM   152 C CB  . THR A 1 28  ? -4.803  -11.366 -4.757  1.00 40.57 ? 28  THR A CB  1 
ATOM   153 O OG1 . THR A 1 28  ? -3.554  -12.070 -4.767  1.00 38.81 ? 28  THR A OG1 1 
ATOM   154 C CG2 . THR A 1 28  ? -5.873  -12.286 -4.207  1.00 40.98 ? 28  THR A CG2 1 
ATOM   155 N N   . PHE A 1 29  ? -3.940  -8.795  -6.487  1.00 36.28 ? 29  PHE A N   1 
ATOM   156 C CA  . PHE A 1 29  ? -2.870  -7.963  -7.043  1.00 34.26 ? 29  PHE A CA  1 
ATOM   157 C C   . PHE A 1 29  ? -1.524  -8.549  -6.689  1.00 34.14 ? 29  PHE A C   1 
ATOM   158 O O   . PHE A 1 29  ? -0.542  -8.277  -7.352  1.00 35.25 ? 29  PHE A O   1 
ATOM   159 C CB  . PHE A 1 29  ? -2.949  -6.535  -6.534  1.00 31.81 ? 29  PHE A CB  1 
ATOM   160 C CG  . PHE A 1 29  ? -4.058  -5.752  -7.146  1.00 28.03 ? 29  PHE A CG  1 
ATOM   161 C CD1 . PHE A 1 29  ? -5.126  -5.319  -6.375  1.00 26.18 ? 29  PHE A CD1 1 
ATOM   162 C CD2 . PHE A 1 29  ? -4.043  -5.462  -8.496  1.00 25.56 ? 29  PHE A CD2 1 
ATOM   163 C CE1 . PHE A 1 29  ? -6.154  -4.616  -6.943  1.00 25.00 ? 29  PHE A CE1 1 
ATOM   164 C CE2 . PHE A 1 29  ? -5.063  -4.762  -9.068  1.00 25.86 ? 29  PHE A CE2 1 
ATOM   165 C CZ  . PHE A 1 29  ? -6.134  -4.334  -8.287  1.00 24.15 ? 29  PHE A CZ  1 
ATOM   166 N N   . GLY A 1 30  ? -1.481  -9.330  -5.621  1.00 33.03 ? 30  GLY A N   1 
ATOM   167 C CA  . GLY A 1 30  ? -0.255  -9.999  -5.264  1.00 34.50 ? 30  GLY A CA  1 
ATOM   168 C C   . GLY A 1 30  ? 0.580   -9.503  -4.121  1.00 35.70 ? 30  GLY A C   1 
ATOM   169 O O   . GLY A 1 30  ? 1.731   -9.901  -4.006  1.00 36.95 ? 30  GLY A O   1 
ATOM   170 N N   . PHE A 1 31  ? 0.019   -8.659  -3.270  1.00 37.11 ? 31  PHE A N   1 
ATOM   171 C CA  . PHE A 1 31  ? 0.758   -8.116  -2.142  1.00 37.18 ? 31  PHE A CA  1 
ATOM   172 C C   . PHE A 1 31  ? -0.060  -8.194  -0.884  1.00 39.11 ? 31  PHE A C   1 
ATOM   173 O O   . PHE A 1 31  ? -1.265  -8.433  -0.937  1.00 41.02 ? 31  PHE A O   1 
ATOM   174 C CB  . PHE A 1 31  ? 1.143   -6.659  -2.405  1.00 36.95 ? 31  PHE A CB  1 
ATOM   175 C CG  . PHE A 1 31  ? -0.028  -5.737  -2.663  1.00 34.05 ? 31  PHE A CG  1 
ATOM   176 C CD1 . PHE A 1 31  ? -0.760  -5.203  -1.619  1.00 34.78 ? 31  PHE A CD1 1 
ATOM   177 C CD2 . PHE A 1 31  ? -0.351  -5.349  -3.959  1.00 35.75 ? 31  PHE A CD2 1 
ATOM   178 C CE1 . PHE A 1 31  ? -1.795  -4.284  -1.861  1.00 34.29 ? 31  PHE A CE1 1 
ATOM   179 C CE2 . PHE A 1 31  ? -1.393  -4.433  -4.200  1.00 35.64 ? 31  PHE A CE2 1 
ATOM   180 C CZ  . PHE A 1 31  ? -2.106  -3.904  -3.145  1.00 32.42 ? 31  PHE A CZ  1 
ATOM   181 N N   . GLU A 1 32  ? 0.603   -7.972  0.243   1.00 38.51 ? 32  GLU A N   1 
ATOM   182 C CA  . GLU A 1 32  ? -0.030  -8.009  1.554   1.00 37.00 ? 32  GLU A CA  1 
ATOM   183 C C   . GLU A 1 32  ? 0.255   -6.706  2.316   1.00 35.43 ? 32  GLU A C   1 
ATOM   184 O O   . GLU A 1 32  ? 1.390   -6.197  2.305   1.00 32.90 ? 32  GLU A O   1 
ATOM   185 C CB  . GLU A 1 32  ? 0.546   -9.170  2.339   1.00 38.73 ? 32  GLU A CB  1 
ATOM   186 C CG  . GLU A 1 32  ? 0.411   -10.492 1.644   1.00 44.97 ? 32  GLU A CG  1 
ATOM   187 C CD  . GLU A 1 32  ? -0.943  -11.116 1.879   1.00 48.43 ? 32  GLU A CD  1 
ATOM   188 O OE1 . GLU A 1 32  ? -1.162  -12.235 1.369   1.00 50.20 ? 32  GLU A OE1 1 
ATOM   189 O OE2 . GLU A 1 32  ? -1.780  -10.484 2.577   1.00 48.74 ? 32  GLU A OE2 1 
ATOM   190 N N   . ILE A 1 33  ? -0.759  -6.147  2.966   1.00 32.81 ? 33  ILE A N   1 
ATOM   191 C CA  . ILE A 1 33  ? -0.479  -4.952  3.716   1.00 34.05 ? 33  ILE A CA  1 
ATOM   192 C C   . ILE A 1 33  ? -0.483  -5.158  5.210   1.00 34.60 ? 33  ILE A C   1 
ATOM   193 O O   . ILE A 1 33  ? -0.761  -6.249  5.714   1.00 35.95 ? 33  ILE A O   1 
ATOM   194 C CB  . ILE A 1 33  ? -1.390  -3.771  3.360   1.00 35.16 ? 33  ILE A CB  1 
ATOM   195 C CG1 . ILE A 1 33  ? -2.834  -4.106  3.672   1.00 35.93 ? 33  ILE A CG1 1 
ATOM   196 C CG2 . ILE A 1 33  ? -1.153  -3.359  1.922   1.00 34.83 ? 33  ILE A CG2 1 
ATOM   197 C CD1 . ILE A 1 33  ? -3.738  -2.913  3.477   1.00 41.55 ? 33  ILE A CD1 1 
ATOM   198 N N   . GLN A 1 34  ? -0.202  -4.083  5.932   1.00 34.18 ? 34  GLN A N   1 
ATOM   199 C CA  . GLN A 1 34  ? -0.069  -4.200  7.352   1.00 30.81 ? 34  GLN A CA  1 
ATOM   200 C C   . GLN A 1 34  ? -0.111  -2.851  8.009   1.00 29.84 ? 34  GLN A C   1 
ATOM   201 O O   . GLN A 1 34  ? 0.732   -2.028  7.748   1.00 31.69 ? 34  GLN A O   1 
ATOM   202 C CB  . GLN A 1 34  ? 1.284   -4.865  7.593   1.00 33.07 ? 34  GLN A CB  1 
ATOM   203 C CG  . GLN A 1 34  ? 1.210   -6.159  8.275   1.00 34.61 ? 34  GLN A CG  1 
ATOM   204 C CD  . GLN A 1 34  ? 0.594   -5.983  9.607   1.00 34.32 ? 34  GLN A CD  1 
ATOM   205 O OE1 . GLN A 1 34  ? 0.028   -6.916  10.182  1.00 33.80 ? 34  GLN A OE1 1 
ATOM   206 N NE2 . GLN A 1 34  ? 0.690   -4.762  10.125  1.00 35.14 ? 34  GLN A NE2 1 
ATOM   207 N N   . SER A 1 35  ? -1.079  -2.607  8.864   1.00 30.85 ? 35  SER A N   1 
ATOM   208 C CA  . SER A 1 35  ? -1.136  -1.328  9.549   1.00 34.14 ? 35  SER A CA  1 
ATOM   209 C C   . SER A 1 35  ? -0.245  -1.354  10.781  1.00 33.90 ? 35  SER A C   1 
ATOM   210 O O   . SER A 1 35  ? -0.261  -2.320  11.525  1.00 33.91 ? 35  SER A O   1 
ATOM   211 C CB  . SER A 1 35  ? -2.561  -1.009  9.979   1.00 35.97 ? 35  SER A CB  1 
ATOM   212 O OG  . SER A 1 35  ? -3.214  -0.193  9.024   1.00 40.44 ? 35  SER A OG  1 
ATOM   213 N N   . TYR A 1 36  ? 0.536   -0.299  11.000  1.00 34.76 ? 36  TYR A N   1 
ATOM   214 C CA  . TYR A 1 36  ? 1.408   -0.275  12.171  1.00 35.76 ? 36  TYR A CA  1 
ATOM   215 C C   . TYR A 1 36  ? 1.201   0.940   12.989  1.00 36.10 ? 36  TYR A C   1 
ATOM   216 O O   . TYR A 1 36  ? 1.289   2.033   12.468  1.00 38.10 ? 36  TYR A O   1 
ATOM   217 C CB  . TYR A 1 36  ? 2.877   -0.311  11.796  1.00 34.02 ? 36  TYR A CB  1 
ATOM   218 C CG  . TYR A 1 36  ? 3.270   -1.598  11.171  1.00 37.10 ? 36  TYR A CG  1 
ATOM   219 C CD1 . TYR A 1 36  ? 3.084   -1.805  9.801   1.00 36.41 ? 36  TYR A CD1 1 
ATOM   220 C CD2 . TYR A 1 36  ? 3.758   -2.644  11.948  1.00 34.72 ? 36  TYR A CD2 1 
ATOM   221 C CE1 . TYR A 1 36  ? 3.362   -3.006  9.225   1.00 38.44 ? 36  TYR A CE1 1 
ATOM   222 C CE2 . TYR A 1 36  ? 4.044   -3.870  11.376  1.00 38.94 ? 36  TYR A CE2 1 
ATOM   223 C CZ  . TYR A 1 36  ? 3.838   -4.050  10.007  1.00 41.43 ? 36  TYR A CZ  1 
ATOM   224 O OH  . TYR A 1 36  ? 4.087   -5.283  9.417   1.00 45.77 ? 36  TYR A OH  1 
ATOM   225 N N   . ARG A 1 37  ? 0.952   0.741   14.279  1.00 36.69 ? 37  ARG A N   1 
ATOM   226 C CA  . ARG A 1 37  ? 0.754   1.844   15.200  1.00 37.03 ? 37  ARG A CA  1 
ATOM   227 C C   . ARG A 1 37  ? 1.984   2.079   16.061  1.00 37.18 ? 37  ARG A C   1 
ATOM   228 O O   . ARG A 1 37  ? 2.611   1.140   16.558  1.00 36.38 ? 37  ARG A O   1 
ATOM   229 C CB  . ARG A 1 37  ? -0.443  1.585   16.114  1.00 38.64 ? 37  ARG A CB  1 
ATOM   230 C CG  . ARG A 1 37  ? -1.739  2.200   15.628  1.00 43.26 ? 37  ARG A CG  1 
ATOM   231 C CD  . ARG A 1 37  ? -2.821  2.064   16.684  1.00 45.43 ? 37  ARG A CD  1 
ATOM   232 N NE  . ARG A 1 37  ? -3.802  3.138   16.605  1.00 49.37 ? 37  ARG A NE  1 
ATOM   233 C CZ  . ARG A 1 37  ? -3.504  4.440   16.633  1.00 52.36 ? 37  ARG A CZ  1 
ATOM   234 N NH1 . ARG A 1 37  ? -2.243  4.851   16.729  1.00 53.75 ? 37  ARG A NH1 1 
ATOM   235 N NH2 . ARG A 1 37  ? -4.477  5.345   16.589  1.00 54.43 ? 37  ARG A NH2 1 
ATOM   236 N N   . PRO A 1 38  ? 2.359   3.350   16.223  1.00 37.21 ? 38  PRO A N   1 
ATOM   237 C CA  . PRO A 1 38  ? 3.506   3.774   17.023  1.00 37.97 ? 38  PRO A CA  1 
ATOM   238 C C   . PRO A 1 38  ? 3.168   3.894   18.509  1.00 39.61 ? 38  PRO A C   1 
ATOM   239 O O   . PRO A 1 38  ? 2.284   4.647   18.879  1.00 40.14 ? 38  PRO A O   1 
ATOM   240 C CB  . PRO A 1 38  ? 3.859   5.132   16.409  1.00 37.88 ? 38  PRO A CB  1 
ATOM   241 C CG  . PRO A 1 38  ? 2.544   5.642   15.951  1.00 36.64 ? 38  PRO A CG  1 
ATOM   242 C CD  . PRO A 1 38  ? 1.946   4.427   15.305  1.00 35.43 ? 38  PRO A CD  1 
ATOM   243 N N   . GLN A 1 39  ? 3.883   3.158   19.351  1.00 42.33 ? 39  GLN A N   1 
ATOM   244 C CA  . GLN A 1 39  ? 3.676   3.181   20.807  1.00 44.57 ? 39  GLN A CA  1 
ATOM   245 C C   . GLN A 1 39  ? 4.699   4.127   21.389  1.00 43.84 ? 39  GLN A C   1 
ATOM   246 O O   . GLN A 1 39  ? 5.445   3.738   22.274  1.00 45.78 ? 39  GLN A O   1 
ATOM   247 C CB  . GLN A 1 39  ? 3.970   1.794   21.393  1.00 46.45 ? 39  GLN A CB  1 
ATOM   248 C CG  . GLN A 1 39  ? 3.610   0.655   20.495  1.00 46.64 ? 39  GLN A CG  1 
ATOM   249 C CD  . GLN A 1 39  ? 2.147   0.686   20.179  1.00 48.74 ? 39  GLN A CD  1 
ATOM   250 O OE1 . GLN A 1 39  ? 1.705   1.443   19.307  1.00 46.94 ? 39  GLN A OE1 1 
ATOM   251 N NE2 . GLN A 1 39  ? 1.366   -0.110  20.917  1.00 48.74 ? 39  GLN A NE2 1 
ATOM   252 N N   . ASN A 1 40  ? 4.757   5.360   20.931  1.00 44.43 ? 40  ASN A N   1 
ATOM   253 C CA  . ASN A 1 40  ? 5.828   6.211   21.428  1.00 46.10 ? 40  ASN A CA  1 
ATOM   254 C C   . ASN A 1 40  ? 5.836   7.655   20.960  1.00 47.67 ? 40  ASN A C   1 
ATOM   255 O O   . ASN A 1 40  ? 6.199   7.974   19.830  1.00 47.65 ? 40  ASN A O   1 
ATOM   256 C CB  . ASN A 1 40  ? 7.174   5.573   21.055  1.00 48.40 ? 40  ASN A CB  1 
ATOM   257 C CG  . ASN A 1 40  ? 7.121   4.807   19.697  1.00 46.66 ? 40  ASN A CG  1 
ATOM   258 O OD1 . ASN A 1 40  ? 8.137   4.356   19.179  1.00 44.49 ? 40  ASN A OD1 1 
ATOM   259 N ND2 . ASN A 1 40  ? 5.931   4.667   19.141  1.00 46.20 ? 40  ASN A ND2 1 
ATOM   260 N N   . GLN A 1 41  ? 5.443   8.528   21.864  1.00 50.13 ? 41  GLN A N   1 
ATOM   261 C CA  . GLN A 1 41  ? 5.420   9.946   21.618  1.00 52.40 ? 41  GLN A CA  1 
ATOM   262 C C   . GLN A 1 41  ? 6.867   10.380  21.791  1.00 52.83 ? 41  GLN A C   1 
ATOM   263 O O   . GLN A 1 41  ? 7.526   9.967   22.752  1.00 53.19 ? 41  GLN A O   1 
ATOM   264 C CB  . GLN A 1 41  ? 4.533   10.607  22.659  1.00 56.06 ? 41  GLN A CB  1 
ATOM   265 C CG  . GLN A 1 41  ? 4.768   10.035  24.065  1.00 61.12 ? 41  GLN A CG  1 
ATOM   266 C CD  . GLN A 1 41  ? 3.990   8.752   24.372  1.00 62.17 ? 41  GLN A CD  1 
ATOM   267 O OE1 . GLN A 1 41  ? 4.084   7.756   23.660  1.00 62.56 ? 41  GLN A OE1 1 
ATOM   268 N NE2 . GLN A 1 41  ? 3.223   8.781   25.455  1.00 64.74 ? 41  GLN A NE2 1 
ATOM   269 N N   . ASN A 1 42  ? 7.359   11.172  20.840  1.00 52.95 ? 42  ASN A N   1 
ATOM   270 C CA  . ASN A 1 42  ? 8.728   11.678  20.845  1.00 53.91 ? 42  ASN A CA  1 
ATOM   271 C C   . ASN A 1 42  ? 8.950   12.583  19.634  1.00 55.01 ? 42  ASN A C   1 
ATOM   272 O O   . ASN A 1 42  ? 7.995   12.968  18.958  1.00 55.02 ? 42  ASN A O   1 
ATOM   273 C CB  . ASN A 1 42  ? 9.752   10.532  20.831  1.00 53.34 ? 42  ASN A CB  1 
ATOM   274 C CG  . ASN A 1 42  ? 9.599   9.627   19.629  1.00 56.14 ? 42  ASN A CG  1 
ATOM   275 O OD1 . ASN A 1 42  ? 9.442   10.098  18.502  1.00 55.64 ? 42  ASN A OD1 1 
ATOM   276 N ND2 . ASN A 1 42  ? 9.655   8.315   19.859  1.00 57.06 ? 42  ASN A ND2 1 
ATOM   277 N N   . ALA A 1 43  ? 10.220  12.905  19.377  1.00 56.03 ? 43  ALA A N   1 
ATOM   278 C CA  . ALA A 1 43  ? 10.662  13.789  18.290  1.00 55.11 ? 43  ALA A CA  1 
ATOM   279 C C   . ALA A 1 43  ? 10.138  13.522  16.880  1.00 55.44 ? 43  ALA A C   1 
ATOM   280 O O   . ALA A 1 43  ? 10.296  14.348  15.990  1.00 54.69 ? 43  ALA A O   1 
ATOM   281 C CB  . ALA A 1 43  ? 12.183  13.819  18.266  1.00 53.47 ? 43  ALA A CB  1 
ATOM   282 N N   . CYS A 1 44  ? 9.506   12.379  16.672  1.00 57.03 ? 44  CYS A N   1 
ATOM   283 C CA  . CYS A 1 44  ? 9.002   12.047  15.353  1.00 57.69 ? 44  CYS A CA  1 
ATOM   284 C C   . CYS A 1 44  ? 7.526   12.317  15.182  1.00 59.31 ? 44  CYS A C   1 
ATOM   285 O O   . CYS A 1 44  ? 7.048   13.440  15.378  1.00 60.39 ? 44  CYS A O   1 
ATOM   286 C CB  . CYS A 1 44  ? 9.299   10.592  15.069  1.00 56.84 ? 44  CYS A CB  1 
ATOM   287 S SG  . CYS A 1 44  ? 11.038  10.276  15.284  1.00 59.11 ? 44  CYS A SG  1 
ATOM   288 N N   . SER A 1 45  ? 6.792   11.288  14.800  1.00 60.61 ? 45  SER A N   1 
ATOM   289 C CA  . SER A 1 45  ? 5.375   11.473  14.611  1.00 61.42 ? 45  SER A CA  1 
ATOM   290 C C   . SER A 1 45  ? 4.573   10.203  14.722  1.00 60.37 ? 45  SER A C   1 
ATOM   291 O O   . SER A 1 45  ? 4.934   9.159   14.198  1.00 57.21 ? 45  SER A O   1 
ATOM   292 C CB  . SER A 1 45  ? 5.111   12.180  13.280  1.00 64.59 ? 45  SER A CB  1 
ATOM   293 O OG  . SER A 1 45  ? 5.671   13.493  13.295  1.00 67.86 ? 45  SER A OG  1 
ATOM   294 N N   . SER A 1 46  ? 3.470   10.354  15.441  1.00 61.33 ? 46  SER A N   1 
ATOM   295 C CA  . SER A 1 46  ? 2.499   9.324   15.758  1.00 61.83 ? 46  SER A CA  1 
ATOM   296 C C   . SER A 1 46  ? 1.475   9.003   14.663  1.00 62.37 ? 46  SER A C   1 
ATOM   297 O O   . SER A 1 46  ? 1.455   9.618   13.595  1.00 63.64 ? 46  SER A O   1 
ATOM   298 C CB  . SER A 1 46  ? 1.776   9.784   17.012  1.00 62.63 ? 46  SER A CB  1 
ATOM   299 O OG  . SER A 1 46  ? 1.670   11.205  16.986  1.00 58.52 ? 46  SER A OG  1 
ATOM   300 N N   . GLU A 1 47  ? 0.627   8.020   14.959  1.00 63.26 ? 47  GLU A N   1 
ATOM   301 C CA  . GLU A 1 47  ? -0.456  7.548   14.077  1.00 62.49 ? 47  GLU A CA  1 
ATOM   302 C C   . GLU A 1 47  ? -0.170  6.531   12.943  1.00 60.72 ? 47  GLU A C   1 
ATOM   303 O O   . GLU A 1 47  ? 0.955   6.345   12.443  1.00 59.68 ? 47  GLU A O   1 
ATOM   304 C CB  . GLU A 1 47  ? -1.216  8.739   13.468  1.00 64.26 ? 47  GLU A CB  1 
ATOM   305 C CG  . GLU A 1 47  ? -2.576  8.368   12.879  1.00 65.08 ? 47  GLU A CG  1 
ATOM   306 C CD  . GLU A 1 47  ? -3.736  8.772   13.777  1.00 66.95 ? 47  GLU A CD  1 
ATOM   307 O OE1 . GLU A 1 47  ? -4.881  8.317   13.531  1.00 65.93 ? 47  GLU A OE1 1 
ATOM   308 O OE2 . GLU A 1 47  ? -3.500  9.560   14.721  1.00 67.24 ? 47  GLU A OE2 1 
ATOM   309 N N   . MET A 1 48  ? -1.272  5.892   12.579  1.00 57.24 ? 48  MET A N   1 
ATOM   310 C CA  . MET A 1 48  ? -1.416  4.884   11.552  1.00 54.06 ? 48  MET A CA  1 
ATOM   311 C C   . MET A 1 48  ? -0.578  5.031   10.295  1.00 52.85 ? 48  MET A C   1 
ATOM   312 O O   . MET A 1 48  ? -0.377  6.130   9.778   1.00 52.99 ? 48  MET A O   1 
ATOM   313 C CB  . MET A 1 48  ? -2.888  4.874   11.121  1.00 53.06 ? 48  MET A CB  1 
ATOM   314 C CG  . MET A 1 48  ? -3.528  3.524   10.942  1.00 51.37 ? 48  MET A CG  1 
ATOM   315 S SD  . MET A 1 48  ? -3.597  2.610   12.461  1.00 48.03 ? 48  MET A SD  1 
ATOM   316 C CE  . MET A 1 48  ? -2.187  1.590   12.193  1.00 48.17 ? 48  MET A CE  1 
ATOM   317 N N   . PHE A 1 49  ? -0.114  3.889   9.802   1.00 50.42 ? 49  PHE A N   1 
ATOM   318 C CA  . PHE A 1 49  ? 0.592   3.816   8.542   1.00 46.16 ? 49  PHE A CA  1 
ATOM   319 C C   . PHE A 1 49  ? 0.627   2.365   8.094   1.00 43.69 ? 49  PHE A C   1 
ATOM   320 O O   . PHE A 1 49  ? 0.861   1.460   8.885   1.00 44.96 ? 49  PHE A O   1 
ATOM   321 C CB  . PHE A 1 49  ? 1.969   4.481   8.614   1.00 46.95 ? 49  PHE A CB  1 
ATOM   322 C CG  . PHE A 1 49  ? 3.094   3.595   9.046   1.00 47.16 ? 49  PHE A CG  1 
ATOM   323 C CD1 . PHE A 1 49  ? 3.154   3.085   10.332  1.00 46.68 ? 49  PHE A CD1 1 
ATOM   324 C CD2 . PHE A 1 49  ? 4.182   3.399   8.203   1.00 45.59 ? 49  PHE A CD2 1 
ATOM   325 C CE1 . PHE A 1 49  ? 4.300   2.399   10.771  1.00 48.24 ? 49  PHE A CE1 1 
ATOM   326 C CE2 . PHE A 1 49  ? 5.318   2.722   8.639   1.00 46.32 ? 49  PHE A CE2 1 
ATOM   327 C CZ  . PHE A 1 49  ? 5.382   2.223   9.922   1.00 44.74 ? 49  PHE A CZ  1 
ATOM   328 N N   . THR A 1 50  ? 0.316   2.160   6.824   1.00 40.22 ? 50  THR A N   1 
ATOM   329 C CA  . THR A 1 50  ? 0.248   0.842   6.238   1.00 37.43 ? 50  THR A CA  1 
ATOM   330 C C   . THR A 1 50  ? 1.397   0.544   5.307   1.00 37.34 ? 50  THR A C   1 
ATOM   331 O O   . THR A 1 50  ? 1.804   1.379   4.513   1.00 39.65 ? 50  THR A O   1 
ATOM   332 C CB  . THR A 1 50  ? -1.036  0.690   5.451   1.00 36.87 ? 50  THR A CB  1 
ATOM   333 O OG1 . THR A 1 50  ? -2.140  1.074   6.276   1.00 34.02 ? 50  THR A OG1 1 
ATOM   334 C CG2 . THR A 1 50  ? -1.212  -0.754  4.997   1.00 36.39 ? 50  THR A CG2 1 
ATOM   335 N N   . LEU A 1 51  ? 1.910   -0.672  5.388   1.00 37.64 ? 51  LEU A N   1 
ATOM   336 C CA  . LEU A 1 51  ? 3.021   -1.075  4.541   1.00 39.26 ? 51  LEU A CA  1 
ATOM   337 C C   . LEU A 1 51  ? 2.776   -2.404  3.822   1.00 39.66 ? 51  LEU A C   1 
ATOM   338 O O   . LEU A 1 51  ? 2.042   -3.255  4.300   1.00 38.14 ? 51  LEU A O   1 
ATOM   339 C CB  . LEU A 1 51  ? 4.292   -1.175  5.397   1.00 40.09 ? 51  LEU A CB  1 
ATOM   340 C CG  . LEU A 1 51  ? 5.213   -2.409  5.374   1.00 39.23 ? 51  LEU A CG  1 
ATOM   341 C CD1 . LEU A 1 51  ? 6.440   -2.026  6.175   1.00 40.92 ? 51  LEU A CD1 1 
ATOM   342 C CD2 . LEU A 1 51  ? 4.568   -3.673  5.956   1.00 35.08 ? 51  LEU A CD2 1 
ATOM   343 N N   . ILE A 1 52  ? 3.388   -2.570  2.659   1.00 41.46 ? 52  ILE A N   1 
ATOM   344 C CA  . ILE A 1 52  ? 3.270   -3.820  1.932   1.00 44.07 ? 52  ILE A CA  1 
ATOM   345 C C   . ILE A 1 52  ? 4.170   -4.741  2.746   1.00 46.93 ? 52  ILE A C   1 
ATOM   346 O O   . ILE A 1 52  ? 5.278   -4.345  3.107   1.00 47.73 ? 52  ILE A O   1 
ATOM   347 C CB  . ILE A 1 52  ? 3.833   -3.670  0.507   1.00 43.13 ? 52  ILE A CB  1 
ATOM   348 C CG1 . ILE A 1 52  ? 2.984   -2.662  -0.277  1.00 44.02 ? 52  ILE A CG1 1 
ATOM   349 C CG2 . ILE A 1 52  ? 3.870   -5.014  -0.182  1.00 42.78 ? 52  ILE A CG2 1 
ATOM   350 C CD1 . ILE A 1 52  ? 3.375   -2.511  -1.742  1.00 44.42 ? 52  ILE A CD1 1 
ATOM   351 N N   . CYS A 1 53  ? 3.719   -5.941  3.086   1.00 49.10 ? 53  CYS A N   1 
ATOM   352 C CA  . CYS A 1 53  ? 4.600   -6.815  3.865   1.00 51.31 ? 53  CYS A CA  1 
ATOM   353 C C   . CYS A 1 53  ? 5.057   -8.035  3.086   1.00 52.11 ? 53  CYS A C   1 
ATOM   354 O O   . CYS A 1 53  ? 6.111   -8.596  3.367   1.00 52.50 ? 53  CYS A O   1 
ATOM   355 C CB  . CYS A 1 53  ? 3.968   -7.233  5.219   1.00 51.59 ? 53  CYS A CB  1 
ATOM   356 S SG  . CYS A 1 53  ? 2.202   -7.706  5.278   1.00 53.36 ? 53  CYS A SG  1 
ATOM   357 N N   . LYS A 1 54  ? 4.278   -8.429  2.086   1.00 52.24 ? 54  LYS A N   1 
ATOM   358 C CA  . LYS A 1 54  ? 4.638   -9.583  1.278   1.00 52.14 ? 54  LYS A CA  1 
ATOM   359 C C   . LYS A 1 54  ? 4.243   -9.360  -0.177  1.00 51.32 ? 54  LYS A C   1 
ATOM   360 O O   . LYS A 1 54  ? 3.184   -8.796  -0.470  1.00 50.67 ? 54  LYS A O   1 
ATOM   361 C CB  . LYS A 1 54  ? 3.950   -10.848 1.809   1.00 52.97 ? 54  LYS A CB  1 
ATOM   362 C CG  . LYS A 1 54  ? 4.903   -11.952 2.206   1.00 55.43 ? 54  LYS A CG  1 
ATOM   363 C CD  . LYS A 1 54  ? 5.933   -11.447 3.209   1.00 57.98 ? 54  LYS A CD  1 
ATOM   364 C CE  . LYS A 1 54  ? 6.625   -12.596 3.979   1.00 59.39 ? 54  LYS A CE  1 
ATOM   365 N NZ  . LYS A 1 54  ? 7.452   -12.086 5.131   1.00 58.80 ? 54  LYS A NZ  1 
ATOM   366 N N   . ILE A 1 55  ? 5.109   -9.811  -1.079  1.00 49.27 ? 55  ILE A N   1 
ATOM   367 C CA  . ILE A 1 55  ? 4.862   -9.696  -2.490  1.00 47.87 ? 55  ILE A CA  1 
ATOM   368 C C   . ILE A 1 55  ? 5.027   -11.041 -3.156  1.00 47.48 ? 55  ILE A C   1 
ATOM   369 O O   . ILE A 1 55  ? 6.031   -11.688 -2.995  1.00 47.11 ? 55  ILE A O   1 
ATOM   370 C CB  . ILE A 1 55  ? 5.796   -8.680  -3.113  1.00 48.76 ? 55  ILE A CB  1 
ATOM   371 C CG1 . ILE A 1 55  ? 5.471   -7.308  -2.521  1.00 51.80 ? 55  ILE A CG1 1 
ATOM   372 C CG2 . ILE A 1 55  ? 5.632   -8.662  -4.632  1.00 49.11 ? 55  ILE A CG2 1 
ATOM   373 C CD1 . ILE A 1 55  ? 6.054   -6.120  -3.280  1.00 53.59 ? 55  ILE A CD1 1 
ATOM   374 N N   . GLN A 1 56  ? 4.010   -11.459 -3.892  1.00 48.96 ? 56  GLN A N   1 
ATOM   375 C CA  . GLN A 1 56  ? 4.024   -12.728 -4.581  1.00 51.51 ? 56  GLN A CA  1 
ATOM   376 C C   . GLN A 1 56  ? 4.901   -12.592 -5.804  1.00 53.42 ? 56  GLN A C   1 
ATOM   377 O O   . GLN A 1 56  ? 4.708   -11.679 -6.601  1.00 53.04 ? 56  GLN A O   1 
ATOM   378 C CB  . GLN A 1 56  ? 2.597   -13.101 -5.002  1.00 52.52 ? 56  GLN A CB  1 
ATOM   379 C CG  . GLN A 1 56  ? 2.078   -14.405 -4.421  1.00 54.61 ? 56  GLN A CG  1 
ATOM   380 C CD  . GLN A 1 56  ? 2.030   -14.391 -2.898  1.00 58.47 ? 56  GLN A CD  1 
ATOM   381 O OE1 . GLN A 1 56  ? 2.465   -15.346 -2.239  1.00 57.62 ? 56  GLN A OE1 1 
ATOM   382 N NE2 . GLN A 1 56  ? 1.492   -13.303 -2.329  1.00 58.49 ? 56  GLN A NE2 1 
ATOM   383 N N   . GLU A 1 57  ? 5.878   -13.485 -5.951  1.00 56.15 ? 57  GLU A N   1 
ATOM   384 C CA  . GLU A 1 57  ? 6.762   -13.425 -7.119  1.00 58.06 ? 57  GLU A CA  1 
ATOM   385 C C   . GLU A 1 57  ? 5.928   -13.593 -8.380  1.00 57.40 ? 57  GLU A C   1 
ATOM   386 O O   . GLU A 1 57  ? 4.994   -14.394 -8.406  1.00 57.92 ? 57  GLU A O   1 
ATOM   387 C CB  . GLU A 1 57  ? 7.828   -14.524 -7.048  1.00 60.67 ? 57  GLU A CB  1 
ATOM   388 C CG  . GLU A 1 57  ? 8.520   -14.898 -8.395  1.00 64.39 ? 57  GLU A CG  1 
ATOM   389 C CD  . GLU A 1 57  ? 9.287   -13.748 -9.076  1.00 66.08 ? 57  GLU A CD  1 
ATOM   390 O OE1 . GLU A 1 57  ? 10.111  -13.076 -8.415  1.00 65.60 ? 57  GLU A OE1 1 
ATOM   391 O OE2 . GLU A 1 57  ? 9.079   -13.533 -10.293 1.00 65.71 ? 57  GLU A OE2 1 
ATOM   392 N N   . ASP A 1 58  ? 6.252   -12.814 -9.407  1.00 56.44 ? 58  ASP A N   1 
ATOM   393 C CA  . ASP A 1 58  ? 5.551   -12.874 -10.695 1.00 55.90 ? 58  ASP A CA  1 
ATOM   394 C C   . ASP A 1 58  ? 4.165   -12.217 -10.753 1.00 54.64 ? 58  ASP A C   1 
ATOM   395 O O   . ASP A 1 58  ? 3.691   -11.859 -11.824 1.00 53.92 ? 58  ASP A O   1 
ATOM   396 C CB  . ASP A 1 58  ? 5.468   -14.329 -11.169 1.00 57.98 ? 58  ASP A CB  1 
ATOM   397 C CG  . ASP A 1 58  ? 6.849   -14.967 -11.349 1.00 60.37 ? 58  ASP A CG  1 
ATOM   398 O OD1 . ASP A 1 58  ? 7.690   -14.393 -12.081 1.00 58.97 ? 58  ASP A OD1 1 
ATOM   399 O OD2 . ASP A 1 58  ? 7.090   -16.044 -10.756 1.00 61.91 ? 58  ASP A OD2 1 
ATOM   400 N N   . SER A 1 59  ? 3.527   -12.056 -9.595  1.00 54.34 ? 59  SER A N   1 
ATOM   401 C CA  . SER A 1 59  ? 2.216   -11.420 -9.473  1.00 51.35 ? 59  SER A CA  1 
ATOM   402 C C   . SER A 1 59  ? 2.211   -10.013 -10.069 1.00 50.46 ? 59  SER A C   1 
ATOM   403 O O   . SER A 1 59  ? 3.265   -9.378  -10.208 1.00 50.99 ? 59  SER A O   1 
ATOM   404 C CB  . SER A 1 59  ? 1.875   -11.289 -8.014  1.00 51.31 ? 59  SER A CB  1 
ATOM   405 O OG  . SER A 1 59  ? 2.836   -10.437 -7.419  1.00 50.24 ? 59  SER A OG  1 
ATOM   406 N N   . PRO A 1 60  ? 1.021   -9.489  -10.407 1.00 49.39 ? 60  PRO A N   1 
ATOM   407 C CA  . PRO A 1 60  ? 0.992   -8.139  -10.982 1.00 49.45 ? 60  PRO A CA  1 
ATOM   408 C C   . PRO A 1 60  ? 1.687   -7.046  -10.134 1.00 49.43 ? 60  PRO A C   1 
ATOM   409 O O   . PRO A 1 60  ? 2.453   -6.236  -10.669 1.00 49.68 ? 60  PRO A O   1 
ATOM   410 C CB  . PRO A 1 60  ? -0.508  -7.892  -11.246 1.00 48.04 ? 60  PRO A CB  1 
ATOM   411 C CG  . PRO A 1 60  ? -1.226  -8.991  -10.505 1.00 47.45 ? 60  PRO A CG  1 
ATOM   412 C CD  . PRO A 1 60  ? -0.292  -10.146 -10.522 1.00 47.98 ? 60  PRO A CD  1 
ATOM   413 N N   . ALA A 1 61  ? 1.449   -7.028  -8.825  1.00 48.34 ? 61  ALA A N   1 
ATOM   414 C CA  . ALA A 1 61  ? 2.107   -6.052  -7.961  1.00 47.99 ? 61  ALA A CA  1 
ATOM   415 C C   . ALA A 1 61  ? 3.613   -6.132  -8.124  1.00 48.20 ? 61  ALA A C   1 
ATOM   416 O O   . ALA A 1 61  ? 4.297   -5.119  -8.108  1.00 49.37 ? 61  ALA A O   1 
ATOM   417 C CB  . ALA A 1 61  ? 1.752   -6.299  -6.519  1.00 49.40 ? 61  ALA A CB  1 
ATOM   418 N N   . HIS A 1 62  ? 4.141   -7.343  -8.258  1.00 50.44 ? 62  HIS A N   1 
ATOM   419 C CA  . HIS A 1 62  ? 5.578   -7.489  -8.436  1.00 52.21 ? 62  HIS A CA  1 
ATOM   420 C C   . HIS A 1 62  ? 5.931   -6.829  -9.750  1.00 52.92 ? 62  HIS A C   1 
ATOM   421 O O   . HIS A 1 62  ? 6.810   -5.955  -9.807  1.00 53.29 ? 62  HIS A O   1 
ATOM   422 C CB  . HIS A 1 62  ? 6.015   -8.955  -8.499  1.00 53.65 ? 62  HIS A CB  1 
ATOM   423 C CG  . HIS A 1 62  ? 7.506   -9.127  -8.570  1.00 56.86 ? 62  HIS A CG  1 
ATOM   424 N ND1 . HIS A 1 62  ? 8.108   -10.228 -9.142  1.00 58.85 ? 62  HIS A ND1 1 
ATOM   425 C CD2 . HIS A 1 62  ? 8.516   -8.333  -8.134  1.00 57.07 ? 62  HIS A CD2 1 
ATOM   426 C CE1 . HIS A 1 62  ? 9.423   -10.106 -9.055  1.00 57.80 ? 62  HIS A CE1 1 
ATOM   427 N NE2 . HIS A 1 62  ? 9.697   -8.965  -8.448  1.00 56.69 ? 62  HIS A NE2 1 
ATOM   428 N N   . CYS A 1 63  ? 5.240   -7.249  -10.808 1.00 50.76 ? 63  CYS A N   1 
ATOM   429 C CA  . CYS A 1 63  ? 5.491   -6.681  -12.122 1.00 50.34 ? 63  CYS A CA  1 
ATOM   430 C C   . CYS A 1 63  ? 5.354   -5.149  -12.161 1.00 48.49 ? 63  CYS A C   1 
ATOM   431 O O   . CYS A 1 63  ? 6.085   -4.475  -12.872 1.00 48.94 ? 63  CYS A O   1 
ATOM   432 C CB  . CYS A 1 63  ? 4.561   -7.320  -13.159 1.00 51.80 ? 63  CYS A CB  1 
ATOM   433 S SG  . CYS A 1 63  ? 5.095   -8.954  -13.755 1.00 56.41 ? 63  CYS A SG  1 
ATOM   434 N N   . ALA A 1 64  ? 4.433   -4.585  -11.398 1.00 45.37 ? 64  ALA A N   1 
ATOM   435 C CA  . ALA A 1 64  ? 4.288   -3.148  -11.440 1.00 44.40 ? 64  ALA A CA  1 
ATOM   436 C C   . ALA A 1 64  ? 5.523   -2.462  -10.872 1.00 44.37 ? 64  ALA A C   1 
ATOM   437 O O   . ALA A 1 64  ? 5.767   -1.286  -11.128 1.00 43.10 ? 64  ALA A O   1 
ATOM   438 C CB  . ALA A 1 64  ? 3.057   -2.730  -10.670 1.00 45.22 ? 64  ALA A CB  1 
ATOM   439 N N   . GLY A 1 65  ? 6.305   -3.200  -10.100 1.00 43.56 ? 65  GLY A N   1 
ATOM   440 C CA  . GLY A 1 65  ? 7.484   -2.611  -9.515  1.00 43.71 ? 65  GLY A CA  1 
ATOM   441 C C   . GLY A 1 65  ? 7.276   -2.286  -8.056  1.00 45.20 ? 65  GLY A C   1 
ATOM   442 O O   . GLY A 1 65  ? 7.880   -1.356  -7.529  1.00 44.58 ? 65  GLY A O   1 
ATOM   443 N N   . LEU A 1 66  ? 6.413   -3.049  -7.394  1.00 46.67 ? 66  LEU A N   1 
ATOM   444 C CA  . LEU A 1 66  ? 6.145   -2.827  -5.973  1.00 47.66 ? 66  LEU A CA  1 
ATOM   445 C C   . LEU A 1 66  ? 7.057   -3.653  -5.078  1.00 48.29 ? 66  LEU A C   1 
ATOM   446 O O   . LEU A 1 66  ? 7.356   -4.796  -5.378  1.00 49.01 ? 66  LEU A O   1 
ATOM   447 C CB  . LEU A 1 66  ? 4.700   -3.179  -5.652  1.00 47.60 ? 66  LEU A CB  1 
ATOM   448 C CG  . LEU A 1 66  ? 3.641   -2.189  -6.118  1.00 48.29 ? 66  LEU A CG  1 
ATOM   449 C CD1 . LEU A 1 66  ? 2.272   -2.643  -5.577  1.00 48.63 ? 66  LEU A CD1 1 
ATOM   450 C CD2 . LEU A 1 66  ? 3.997   -0.788  -5.607  1.00 45.62 ? 66  LEU A CD2 1 
ATOM   451 N N   . GLN A 1 67  ? 7.485   -3.102  -3.956  1.00 48.97 ? 67  GLN A N   1 
ATOM   452 C CA  . GLN A 1 67  ? 8.352   -3.888  -3.094  1.00 49.71 ? 67  GLN A CA  1 
ATOM   453 C C   . GLN A 1 67  ? 7.923   -3.910  -1.637  1.00 48.01 ? 67  GLN A C   1 
ATOM   454 O O   . GLN A 1 67  ? 7.376   -2.933  -1.138  1.00 48.62 ? 67  GLN A O   1 
ATOM   455 C CB  . GLN A 1 67  ? 9.772   -3.360  -3.180  1.00 52.61 ? 67  GLN A CB  1 
ATOM   456 C CG  . GLN A 1 67  ? 10.374  -3.381  -4.559  1.00 53.71 ? 67  GLN A CG  1 
ATOM   457 C CD  . GLN A 1 67  ? 11.881  -3.292  -4.491  1.00 54.91 ? 67  GLN A CD  1 
ATOM   458 O OE1 . GLN A 1 67  ? 12.547  -4.276  -4.163  1.00 56.01 ? 67  GLN A OE1 1 
ATOM   459 N NE2 . GLN A 1 67  ? 12.432  -2.107  -4.774  1.00 55.27 ? 67  GLN A NE2 1 
ATOM   460 N N   . ALA A 1 68  ? 8.197   -5.015  -0.947  1.00 45.75 ? 68  ALA A N   1 
ATOM   461 C CA  . ALA A 1 68  ? 7.838   -5.132  0.469   1.00 43.42 ? 68  ALA A CA  1 
ATOM   462 C C   . ALA A 1 68  ? 8.632   -4.104  1.256   1.00 41.63 ? 68  ALA A C   1 
ATOM   463 O O   . ALA A 1 68  ? 9.851   -4.142  1.267   1.00 43.85 ? 68  ALA A O   1 
ATOM   464 C CB  . ALA A 1 68  ? 8.138   -6.519  0.973   1.00 44.22 ? 68  ALA A CB  1 
ATOM   465 N N   . GLY A 1 69  ? 7.923   -3.198  1.914   1.00 39.03 ? 69  GLY A N   1 
ATOM   466 C CA  . GLY A 1 69  ? 8.552   -2.137  2.653   1.00 36.94 ? 69  GLY A CA  1 
ATOM   467 C C   . GLY A 1 69  ? 7.938   -0.846  2.151   1.00 40.10 ? 69  GLY A C   1 
ATOM   468 O O   . GLY A 1 69  ? 7.983   0.192   2.832   1.00 38.90 ? 69  GLY A O   1 
ATOM   469 N N   . ASP A 1 70  ? 7.359   -0.906  0.945   1.00 41.13 ? 70  ASP A N   1 
ATOM   470 C CA  . ASP A 1 70  ? 6.718   0.255   0.328   1.00 41.34 ? 70  ASP A CA  1 
ATOM   471 C C   . ASP A 1 70  ? 5.608   0.778   1.237   1.00 40.93 ? 70  ASP A C   1 
ATOM   472 O O   . ASP A 1 70  ? 4.831   -0.018  1.771   1.00 40.92 ? 70  ASP A O   1 
ATOM   473 C CB  . ASP A 1 70  ? 6.101   -0.120  -1.022  1.00 44.76 ? 70  ASP A CB  1 
ATOM   474 C CG  . ASP A 1 70  ? 7.067   0.046   -2.188  1.00 48.62 ? 70  ASP A CG  1 
ATOM   475 O OD1 . ASP A 1 70  ? 7.813   1.053   -2.178  1.00 51.72 ? 70  ASP A OD1 1 
ATOM   476 O OD2 . ASP A 1 70  ? 7.065   -0.806  -3.122  1.00 47.90 ? 70  ASP A OD2 1 
ATOM   477 N N   . VAL A 1 71  ? 5.522   2.101   1.413   1.00 38.79 ? 71  VAL A N   1 
ATOM   478 C CA  . VAL A 1 71  ? 4.473   2.656   2.255   1.00 39.75 ? 71  VAL A CA  1 
ATOM   479 C C   . VAL A 1 71  ? 3.359   3.320   1.466   1.00 39.73 ? 71  VAL A C   1 
ATOM   480 O O   . VAL A 1 71  ? 3.569   4.312   0.781   1.00 41.50 ? 71  VAL A O   1 
ATOM   481 C CB  . VAL A 1 71  ? 5.007   3.690   3.267   1.00 40.55 ? 71  VAL A CB  1 
ATOM   482 C CG1 . VAL A 1 71  ? 3.822   4.340   4.007   1.00 39.21 ? 71  VAL A CG1 1 
ATOM   483 C CG2 . VAL A 1 71  ? 5.928   3.014   4.273   1.00 40.26 ? 71  VAL A CG2 1 
ATOM   484 N N   . LEU A 1 72  ? 2.161   2.773   1.599   1.00 37.84 ? 72  LEU A N   1 
ATOM   485 C CA  . LEU A 1 72  ? 0.982   3.270   0.904   1.00 35.81 ? 72  LEU A CA  1 
ATOM   486 C C   . LEU A 1 72  ? 0.482   4.645   1.360   1.00 34.42 ? 72  LEU A C   1 
ATOM   487 O O   . LEU A 1 72  ? -0.147  4.756   2.400   1.00 35.65 ? 72  LEU A O   1 
ATOM   488 C CB  . LEU A 1 72  ? -0.135  2.229   1.047   1.00 33.50 ? 72  LEU A CB  1 
ATOM   489 C CG  . LEU A 1 72  ? -0.219  1.118   -0.010  1.00 30.84 ? 72  LEU A CG  1 
ATOM   490 C CD1 . LEU A 1 72  ? 1.088   0.858   -0.689  1.00 27.97 ? 72  LEU A CD1 1 
ATOM   491 C CD2 . LEU A 1 72  ? -0.725  -0.102  0.658   1.00 30.96 ? 72  LEU A CD2 1 
ATOM   492 N N   . ALA A 1 73  ? 0.741   5.680   0.566   1.00 32.37 ? 73  ALA A N   1 
ATOM   493 C CA  . ALA A 1 73  ? 0.301   7.043   0.895   1.00 32.22 ? 73  ALA A CA  1 
ATOM   494 C C   . ALA A 1 73  ? -0.912  7.471   0.073   1.00 31.42 ? 73  ALA A C   1 
ATOM   495 O O   . ALA A 1 73  ? -1.787  8.186   0.541   1.00 31.80 ? 73  ALA A O   1 
ATOM   496 C CB  . ALA A 1 73  ? 1.423   8.016   0.665   1.00 33.26 ? 73  ALA A CB  1 
ATOM   497 N N   . ASN A 1 74  ? -0.965  7.032   -1.172  1.00 31.27 ? 74  ASN A N   1 
ATOM   498 C CA  . ASN A 1 74  ? -2.092  7.382   -2.002  1.00 27.84 ? 74  ASN A CA  1 
ATOM   499 C C   . ASN A 1 74  ? -2.629  6.249   -2.803  1.00 25.50 ? 74  ASN A C   1 
ATOM   500 O O   . ASN A 1 74  ? -1.886  5.555   -3.481  1.00 26.26 ? 74  ASN A O   1 
ATOM   501 C CB  . ASN A 1 74  ? -1.734  8.535   -2.922  1.00 28.60 ? 74  ASN A CB  1 
ATOM   502 C CG  . ASN A 1 74  ? -1.957  9.868   -2.261  1.00 31.64 ? 74  ASN A CG  1 
ATOM   503 O OD1 . ASN A 1 74  ? -3.072  10.176  -1.866  1.00 34.18 ? 74  ASN A OD1 1 
ATOM   504 N ND2 . ASN A 1 74  ? -0.903  10.663  -2.121  1.00 30.80 ? 74  ASN A ND2 1 
ATOM   505 N N   . ILE A 1 75  ? -3.931  6.037   -2.707  1.00 23.51 ? 75  ILE A N   1 
ATOM   506 C CA  . ILE A 1 75  ? -4.530  5.002   -3.515  1.00 24.66 ? 75  ILE A CA  1 
ATOM   507 C C   . ILE A 1 75  ? -5.593  5.617   -4.368  1.00 23.69 ? 75  ILE A C   1 
ATOM   508 O O   . ILE A 1 75  ? -6.469  6.276   -3.859  1.00 26.14 ? 75  ILE A O   1 
ATOM   509 C CB  . ILE A 1 75  ? -5.114  3.911   -2.687  1.00 25.34 ? 75  ILE A CB  1 
ATOM   510 C CG1 . ILE A 1 75  ? -3.971  3.026   -2.161  1.00 26.73 ? 75  ILE A CG1 1 
ATOM   511 C CG2 . ILE A 1 75  ? -6.068  3.115   -3.535  1.00 27.73 ? 75  ILE A CG2 1 
ATOM   512 C CD1 . ILE A 1 75  ? -4.339  2.223   -0.923  1.00 24.71 ? 75  ILE A CD1 1 
ATOM   513 N N   . ASN A 1 76  ? -5.508  5.396   -5.671  1.00 22.92 ? 76  ASN A N   1 
ATOM   514 C CA  . ASN A 1 76  ? -6.456  5.976   -6.619  1.00 22.02 ? 76  ASN A CA  1 
ATOM   515 C C   . ASN A 1 76  ? -6.759  7.416   -6.295  1.00 23.74 ? 76  ASN A C   1 
ATOM   516 O O   . ASN A 1 76  ? -7.924  7.824   -6.315  1.00 24.53 ? 76  ASN A O   1 
ATOM   517 C CB  . ASN A 1 76  ? -7.749  5.204   -6.627  1.00 20.12 ? 76  ASN A CB  1 
ATOM   518 C CG  . ASN A 1 76  ? -7.545  3.775   -6.986  1.00 18.72 ? 76  ASN A CG  1 
ATOM   519 O OD1 . ASN A 1 76  ? -8.386  2.937   -6.721  1.00 20.28 ? 76  ASN A OD1 1 
ATOM   520 N ND2 . ASN A 1 76  ? -6.421  3.481   -7.594  1.00 21.33 ? 76  ASN A ND2 1 
ATOM   521 N N   . GLY A 1 77  ? -5.709  8.175   -5.981  1.00 24.16 ? 77  GLY A N   1 
ATOM   522 C CA  . GLY A 1 77  ? -5.868  9.587   -5.685  1.00 27.95 ? 77  GLY A CA  1 
ATOM   523 C C   . GLY A 1 77  ? -6.473  9.835   -4.316  1.00 30.59 ? 77  GLY A C   1 
ATOM   524 O O   . GLY A 1 77  ? -6.989  10.907  -4.010  1.00 31.71 ? 77  GLY A O   1 
ATOM   525 N N   . VAL A 1 78  ? -6.399  8.831   -3.470  1.00 30.27 ? 78  VAL A N   1 
ATOM   526 C CA  . VAL A 1 78  ? -6.961  8.977   -2.158  1.00 30.57 ? 78  VAL A CA  1 
ATOM   527 C C   . VAL A 1 78  ? -5.893  8.876   -1.073  1.00 32.07 ? 78  VAL A C   1 
ATOM   528 O O   . VAL A 1 78  ? -5.265  7.832   -0.897  1.00 34.44 ? 78  VAL A O   1 
ATOM   529 C CB  . VAL A 1 78  ? -8.082  7.934   -1.959  1.00 28.52 ? 78  VAL A CB  1 
ATOM   530 C CG1 . VAL A 1 78  ? -8.686  8.061   -0.598  1.00 29.09 ? 78  VAL A CG1 1 
ATOM   531 C CG2 . VAL A 1 78  ? -9.163  8.151   -3.023  1.00 28.84 ? 78  VAL A CG2 1 
ATOM   532 N N   . SER A 1 79  ? -5.652  9.987   -0.384  1.00 32.55 ? 79  SER A N   1 
ATOM   533 C CA  . SER A 1 79  ? -4.694  9.990   0.709   1.00 34.21 ? 79  SER A CA  1 
ATOM   534 C C   . SER A 1 79  ? -5.158  8.959   1.754   1.00 36.69 ? 79  SER A C   1 
ATOM   535 O O   . SER A 1 79  ? -6.333  8.911   2.164   1.00 34.40 ? 79  SER A O   1 
ATOM   536 C CB  . SER A 1 79  ? -4.608  11.381  1.356   1.00 33.90 ? 79  SER A CB  1 
ATOM   537 O OG  . SER A 1 79  ? -3.672  11.367  2.417   1.00 29.94 ? 79  SER A OG  1 
ATOM   538 N N   . THR A 1 80  ? -4.224  8.144   2.205   1.00 38.24 ? 80  THR A N   1 
ATOM   539 C CA  . THR A 1 80  ? -4.585  7.121   3.147   1.00 42.21 ? 80  THR A CA  1 
ATOM   540 C C   . THR A 1 80  ? -4.286  7.333   4.614   1.00 45.08 ? 80  THR A C   1 
ATOM   541 O O   . THR A 1 80  ? -4.396  6.374   5.380   1.00 45.79 ? 80  THR A O   1 
ATOM   542 C CB  . THR A 1 80  ? -3.937  5.809   2.753   1.00 40.89 ? 80  THR A CB  1 
ATOM   543 O OG1 . THR A 1 80  ? -2.521  6.011   2.669   1.00 39.17 ? 80  THR A OG1 1 
ATOM   544 C CG2 . THR A 1 80  ? -4.477  5.324   1.414   1.00 38.52 ? 80  THR A CG2 1 
ATOM   545 N N   . GLU A 1 81  ? -3.929  8.531   5.064   1.00 48.64 ? 81  GLU A N   1 
ATOM   546 C CA  . GLU A 1 81  ? -3.636  8.576   6.491   1.00 51.33 ? 81  GLU A CA  1 
ATOM   547 C C   . GLU A 1 81  ? -4.842  8.619   7.388   1.00 49.69 ? 81  GLU A C   1 
ATOM   548 O O   . GLU A 1 81  ? -5.876  9.208   7.054   1.00 48.81 ? 81  GLU A O   1 
ATOM   549 C CB  . GLU A 1 81  ? -2.710  9.710   6.898   1.00 57.16 ? 81  GLU A CB  1 
ATOM   550 C CG  . GLU A 1 81  ? -2.132  9.380   8.292   1.00 65.03 ? 81  GLU A CG  1 
ATOM   551 C CD  . GLU A 1 81  ? -1.715  10.599  9.100   1.00 70.17 ? 81  GLU A CD  1 
ATOM   552 O OE1 . GLU A 1 81  ? -0.710  11.255  8.715   1.00 73.32 ? 81  GLU A OE1 1 
ATOM   553 O OE2 . GLU A 1 81  ? -2.396  10.896  10.117  1.00 70.95 ? 81  GLU A OE2 1 
ATOM   554 N N   . GLY A 1 82  ? -4.670  8.003   8.552   1.00 47.95 ? 82  GLY A N   1 
ATOM   555 C CA  . GLY A 1 82  ? -5.734  7.913   9.529   1.00 46.37 ? 82  GLY A CA  1 
ATOM   556 C C   . GLY A 1 82  ? -6.570  6.703   9.158   1.00 45.12 ? 82  GLY A C   1 
ATOM   557 O O   . GLY A 1 82  ? -7.535  6.345   9.820   1.00 48.62 ? 82  GLY A O   1 
ATOM   558 N N   . PHE A 1 83  ? -6.191  6.065   8.067   1.00 40.97 ? 83  PHE A N   1 
ATOM   559 C CA  . PHE A 1 83  ? -6.898  4.900   7.599   1.00 36.27 ? 83  PHE A CA  1 
ATOM   560 C C   . PHE A 1 83  ? -6.686  3.665   8.454   1.00 33.42 ? 83  PHE A C   1 
ATOM   561 O O   . PHE A 1 83  ? -5.566  3.321   8.817   1.00 32.50 ? 83  PHE A O   1 
ATOM   562 C CB  . PHE A 1 83  ? -6.462  4.592   6.160   1.00 34.78 ? 83  PHE A CB  1 
ATOM   563 C CG  . PHE A 1 83  ? -7.262  5.310   5.110   1.00 31.70 ? 83  PHE A CG  1 
ATOM   564 C CD1 . PHE A 1 83  ? -7.750  6.590   5.337   1.00 29.80 ? 83  PHE A CD1 1 
ATOM   565 C CD2 . PHE A 1 83  ? -7.488  4.713   3.863   1.00 31.43 ? 83  PHE A CD2 1 
ATOM   566 C CE1 . PHE A 1 83  ? -8.449  7.277   4.335   1.00 28.84 ? 83  PHE A CE1 1 
ATOM   567 C CE2 . PHE A 1 83  ? -8.178  5.384   2.858   1.00 28.55 ? 83  PHE A CE2 1 
ATOM   568 C CZ  . PHE A 1 83  ? -8.659  6.671   3.096   1.00 28.69 ? 83  PHE A CZ  1 
ATOM   569 N N   . THR A 1 84  ? -7.773  2.980   8.758   1.00 31.44 ? 84  THR A N   1 
ATOM   570 C CA  . THR A 1 84  ? -7.672  1.727   9.498   1.00 28.78 ? 84  THR A CA  1 
ATOM   571 C C   . THR A 1 84  ? -7.355  0.684   8.419   1.00 26.79 ? 84  THR A C   1 
ATOM   572 O O   . THR A 1 84  ? -7.678  0.897   7.257   1.00 25.13 ? 84  THR A O   1 
ATOM   573 C CB  . THR A 1 84  ? -8.995  1.344   10.097  1.00 28.86 ? 84  THR A CB  1 
ATOM   574 O OG1 . THR A 1 84  ? -9.913  1.080   9.030   1.00 31.84 ? 84  THR A OG1 1 
ATOM   575 C CG2 . THR A 1 84  ? -9.554  2.472   10.950  1.00 28.18 ? 84  THR A CG2 1 
ATOM   576 N N   . TYR A 1 85  ? -6.711  -0.417  8.800   1.00 25.96 ? 85  TYR A N   1 
ATOM   577 C CA  . TYR A 1 85  ? -6.377  -1.513  7.887   1.00 25.06 ? 85  TYR A CA  1 
ATOM   578 C C   . TYR A 1 85  ? -7.536  -1.896  6.950   1.00 26.15 ? 85  TYR A C   1 
ATOM   579 O O   . TYR A 1 85  ? -7.339  -2.102  5.761   1.00 25.65 ? 85  TYR A O   1 
ATOM   580 C CB  . TYR A 1 85  ? -6.028  -2.746  8.701   1.00 27.85 ? 85  TYR A CB  1 
ATOM   581 C CG  . TYR A 1 85  ? -5.600  -3.952  7.903   1.00 29.46 ? 85  TYR A CG  1 
ATOM   582 C CD1 . TYR A 1 85  ? -4.255  -4.182  7.658   1.00 31.64 ? 85  TYR A CD1 1 
ATOM   583 C CD2 . TYR A 1 85  ? -6.516  -4.873  7.424   1.00 28.04 ? 85  TYR A CD2 1 
ATOM   584 C CE1 . TYR A 1 85  ? -3.813  -5.299  6.962   1.00 32.76 ? 85  TYR A CE1 1 
ATOM   585 C CE2 . TYR A 1 85  ? -6.089  -6.009  6.720   1.00 31.59 ? 85  TYR A CE2 1 
ATOM   586 C CZ  . TYR A 1 85  ? -4.720  -6.209  6.495   1.00 34.01 ? 85  TYR A CZ  1 
ATOM   587 O OH  . TYR A 1 85  ? -4.218  -7.308  5.809   1.00 37.49 ? 85  TYR A OH  1 
ATOM   588 N N   . LYS A 1 86  ? -8.736  -1.999  7.517   1.00 26.08 ? 86  LYS A N   1 
ATOM   589 C CA  . LYS A 1 86  ? -9.940  -2.364  6.802   1.00 27.37 ? 86  LYS A CA  1 
ATOM   590 C C   . LYS A 1 86  ? -10.385 -1.332  5.762   1.00 29.63 ? 86  LYS A C   1 
ATOM   591 O O   . LYS A 1 86  ? -10.942 -1.694  4.713   1.00 29.07 ? 86  LYS A O   1 
ATOM   592 C CB  . LYS A 1 86  ? -11.058 -2.616  7.802   1.00 29.16 ? 86  LYS A CB  1 
ATOM   593 C CG  . LYS A 1 86  ? -12.436 -2.738  7.185   1.00 31.02 ? 86  LYS A CG  1 
ATOM   594 C CD  . LYS A 1 86  ? -13.456 -3.042  8.237   1.00 34.39 ? 86  LYS A CD  1 
ATOM   595 C CE  . LYS A 1 86  ? -14.858 -2.803  7.732   1.00 35.69 ? 86  LYS A CE  1 
ATOM   596 N NZ  . LYS A 1 86  ? -15.035 -3.458  6.424   1.00 39.16 ? 86  LYS A NZ  1 
ATOM   597 N N   . GLN A 1 87  ? -10.176 -0.047  6.046   1.00 29.44 ? 87  GLN A N   1 
ATOM   598 C CA  . GLN A 1 87  ? -10.521 0.974   5.055   1.00 27.82 ? 87  GLN A CA  1 
ATOM   599 C C   . GLN A 1 87  ? -9.602  0.767   3.841   1.00 26.72 ? 87  GLN A C   1 
ATOM   600 O O   . GLN A 1 87  ? -10.067 0.718   2.691   1.00 27.91 ? 87  GLN A O   1 
ATOM   601 C CB  . GLN A 1 87  ? -10.357 2.378   5.640   1.00 25.57 ? 87  GLN A CB  1 
ATOM   602 C CG  . GLN A 1 87  ? -11.280 2.583   6.811   1.00 27.64 ? 87  GLN A CG  1 
ATOM   603 C CD  . GLN A 1 87  ? -11.173 3.951   7.413   1.00 26.18 ? 87  GLN A CD  1 
ATOM   604 O OE1 . GLN A 1 87  ? -12.065 4.798   7.251   1.00 24.64 ? 87  GLN A OE1 1 
ATOM   605 N NE2 . GLN A 1 87  ? -10.074 4.185   8.115   1.00 26.64 ? 87  GLN A NE2 1 
ATOM   606 N N   . VAL A 1 88  ? -8.314  0.608   4.101   1.00 22.99 ? 88  VAL A N   1 
ATOM   607 C CA  . VAL A 1 88  ? -7.369  0.392   3.027   1.00 24.71 ? 88  VAL A CA  1 
ATOM   608 C C   . VAL A 1 88  ? -7.811  -0.816  2.212   1.00 25.44 ? 88  VAL A C   1 
ATOM   609 O O   . VAL A 1 88  ? -7.805  -0.772  0.985   1.00 25.29 ? 88  VAL A O   1 
ATOM   610 C CB  . VAL A 1 88  ? -5.939  0.168   3.586   1.00 24.79 ? 88  VAL A CB  1 
ATOM   611 C CG1 . VAL A 1 88  ? -4.938  -0.021  2.457   1.00 20.27 ? 88  VAL A CG1 1 
ATOM   612 C CG2 . VAL A 1 88  ? -5.558  1.352   4.452   1.00 21.63 ? 88  VAL A CG2 1 
ATOM   613 N N   . VAL A 1 89  ? -8.218  -1.889  2.887   1.00 25.96 ? 89  VAL A N   1 
ATOM   614 C CA  . VAL A 1 89  ? -8.669  -3.092  2.180   1.00 27.64 ? 89  VAL A CA  1 
ATOM   615 C C   . VAL A 1 89  ? -10.009 -2.845  1.421   1.00 30.31 ? 89  VAL A C   1 
ATOM   616 O O   . VAL A 1 89  ? -10.201 -3.256  0.257   1.00 28.19 ? 89  VAL A O   1 
ATOM   617 C CB  . VAL A 1 89  ? -8.807  -4.276  3.157   1.00 26.21 ? 89  VAL A CB  1 
ATOM   618 C CG1 . VAL A 1 89  ? -9.369  -5.465  2.439   1.00 29.88 ? 89  VAL A CG1 1 
ATOM   619 C CG2 . VAL A 1 89  ? -7.442  -4.657  3.707   1.00 25.34 ? 89  VAL A CG2 1 
ATOM   620 N N   . ASP A 1 90  ? -10.938 -2.169  2.081   1.00 29.99 ? 90  ASP A N   1 
ATOM   621 C CA  . ASP A 1 90  ? -12.184 -1.881  1.431   1.00 29.22 ? 90  ASP A CA  1 
ATOM   622 C C   . ASP A 1 90  ? -11.922 -1.003  0.185   1.00 31.34 ? 90  ASP A C   1 
ATOM   623 O O   . ASP A 1 90  ? -12.478 -1.243  -0.884  1.00 32.80 ? 90  ASP A O   1 
ATOM   624 C CB  . ASP A 1 90  ? -13.148 -1.189  2.406   1.00 27.37 ? 90  ASP A CB  1 
ATOM   625 C CG  . ASP A 1 90  ? -13.698 -2.140  3.489   1.00 27.47 ? 90  ASP A CG  1 
ATOM   626 O OD1 . ASP A 1 90  ? -13.648 -3.360  3.305   1.00 25.91 ? 90  ASP A OD1 1 
ATOM   627 O OD2 . ASP A 1 90  ? -14.209 -1.669  4.528   1.00 28.21 ? 90  ASP A OD2 1 
ATOM   628 N N   . LEU A 1 91  ? -11.069 0.006   0.295   1.00 32.00 ? 91  LEU A N   1 
ATOM   629 C CA  . LEU A 1 91  ? -10.835 0.852   -0.866  1.00 32.31 ? 91  LEU A CA  1 
ATOM   630 C C   . LEU A 1 91  ? -10.230 0.030   -1.999  1.00 32.39 ? 91  LEU A C   1 
ATOM   631 O O   . LEU A 1 91  ? -10.697 0.114   -3.134  1.00 32.66 ? 91  LEU A O   1 
ATOM   632 C CB  . LEU A 1 91  ? -9.899  2.006   -0.515  1.00 34.48 ? 91  LEU A CB  1 
ATOM   633 C CG  . LEU A 1 91  ? -9.958  3.318   -1.309  1.00 35.54 ? 91  LEU A CG  1 
ATOM   634 C CD1 . LEU A 1 91  ? -8.855  4.188   -0.801  1.00 37.37 ? 91  LEU A CD1 1 
ATOM   635 C CD2 . LEU A 1 91  ? -9.779  3.121   -2.800  1.00 38.90 ? 91  LEU A CD2 1 
ATOM   636 N N   . ILE A 1 92  ? -9.187  -0.751  -1.703  1.00 30.67 ? 92  ILE A N   1 
ATOM   637 C CA  . ILE A 1 92  ? -8.565  -1.594  -2.722  1.00 27.90 ? 92  ILE A CA  1 
ATOM   638 C C   . ILE A 1 92  ? -9.593  -2.508  -3.404  1.00 29.22 ? 92  ILE A C   1 
ATOM   639 O O   . ILE A 1 92  ? -9.521  -2.701  -4.611  1.00 32.19 ? 92  ILE A O   1 
ATOM   640 C CB  . ILE A 1 92  ? -7.427  -2.469  -2.133  1.00 28.33 ? 92  ILE A CB  1 
ATOM   641 C CG1 . ILE A 1 92  ? -6.245  -1.583  -1.691  1.00 26.26 ? 92  ILE A CG1 1 
ATOM   642 C CG2 . ILE A 1 92  ? -7.018  -3.538  -3.157  1.00 21.60 ? 92  ILE A CG2 1 
ATOM   643 C CD1 . ILE A 1 92  ? -5.113  -2.326  -1.027  1.00 25.24 ? 92  ILE A CD1 1 
ATOM   644 N N   . ARG A 1 93  ? -10.534 -3.084  -2.656  1.00 28.93 ? 93  ARG A N   1 
ATOM   645 C CA  . ARG A 1 93  ? -11.578 -3.913  -3.272  1.00 29.73 ? 93  ARG A CA  1 
ATOM   646 C C   . ARG A 1 93  ? -12.554 -3.011  -4.053  1.00 28.99 ? 93  ARG A C   1 
ATOM   647 O O   . ARG A 1 93  ? -13.235 -3.437  -4.976  1.00 28.93 ? 93  ARG A O   1 
ATOM   648 C CB  . ARG A 1 93  ? -12.364 -4.660  -2.217  1.00 33.91 ? 93  ARG A CB  1 
ATOM   649 C CG  . ARG A 1 93  ? -11.578 -5.685  -1.422  1.00 41.77 ? 93  ARG A CG  1 
ATOM   650 C CD  . ARG A 1 93  ? -12.511 -6.304  -0.386  1.00 45.72 ? 93  ARG A CD  1 
ATOM   651 N NE  . ARG A 1 93  ? -13.736 -6.812  -1.007  1.00 47.24 ? 93  ARG A NE  1 
ATOM   652 C CZ  . ARG A 1 93  ? -13.790 -7.944  -1.705  1.00 49.55 ? 93  ARG A CZ  1 
ATOM   653 N NH1 . ARG A 1 93  ? -14.938 -8.344  -2.248  1.00 48.05 ? 93  ARG A NH1 1 
ATOM   654 N NH2 . ARG A 1 93  ? -12.688 -8.690  -1.843  1.00 50.15 ? 93  ARG A NH2 1 
ATOM   655 N N   . SER A 1 94  ? -12.631 -1.751  -3.679  1.00 27.41 ? 94  SER A N   1 
ATOM   656 C CA  . SER A 1 94  ? -13.502 -0.852  -4.392  1.00 28.48 ? 94  SER A CA  1 
ATOM   657 C C   . SER A 1 94  ? -12.945 -0.588  -5.802  1.00 29.67 ? 94  SER A C   1 
ATOM   658 O O   . SER A 1 94  ? -13.650 -0.027  -6.644  1.00 30.49 ? 94  SER A O   1 
ATOM   659 C CB  . SER A 1 94  ? -13.631 0.485   -3.630  1.00 27.93 ? 94  SER A CB  1 
ATOM   660 O OG  . SER A 1 94  ? -12.584 1.399   -3.954  1.00 26.50 ? 94  SER A OG  1 
ATOM   661 N N   . SER A 1 95  ? -11.705 -1.009  -6.060  1.00 28.67 ? 95  SER A N   1 
ATOM   662 C CA  . SER A 1 95  ? -11.058 -0.754  -7.340  1.00 31.10 ? 95  SER A CA  1 
ATOM   663 C C   . SER A 1 95  ? -11.108 -1.803  -8.422  1.00 30.78 ? 95  SER A C   1 
ATOM   664 O O   . SER A 1 95  ? -10.408 -1.672  -9.420  1.00 30.16 ? 95  SER A O   1 
ATOM   665 C CB  . SER A 1 95  ? -9.589  -0.381  -7.139  1.00 33.45 ? 95  SER A CB  1 
ATOM   666 O OG  . SER A 1 95  ? -9.472  0.805   -6.372  1.00 40.14 ? 95  SER A OG  1 
ATOM   667 N N   . GLY A 1 96  ? -11.903 -2.842  -8.247  1.00 29.88 ? 96  GLY A N   1 
ATOM   668 C CA  . GLY A 1 96  ? -11.994 -3.824  -9.301  1.00 30.70 ? 96  GLY A CA  1 
ATOM   669 C C   . GLY A 1 96  ? -10.636 -4.369  -9.651  1.00 31.77 ? 96  GLY A C   1 
ATOM   670 O O   . GLY A 1 96  ? -9.839  -4.645  -8.762  1.00 34.13 ? 96  GLY A O   1 
ATOM   671 N N   . ASN A 1 97  ? -10.351 -4.530  -10.933 1.00 31.41 ? 97  ASN A N   1 
ATOM   672 C CA  . ASN A 1 97  ? -9.055  -5.069  -11.315 1.00 32.51 ? 97  ASN A CA  1 
ATOM   673 C C   . ASN A 1 97  ? -8.013  -4.010  -11.631 1.00 32.38 ? 97  ASN A C   1 
ATOM   674 O O   . ASN A 1 97  ? -6.995  -4.308  -12.217 1.00 35.42 ? 97  ASN A O   1 
ATOM   675 C CB  . ASN A 1 97  ? -9.224  -6.004  -12.512 1.00 34.16 ? 97  ASN A CB  1 
ATOM   676 C CG  . ASN A 1 97  ? -10.265 -7.060  -12.258 1.00 37.78 ? 97  ASN A CG  1 
ATOM   677 O OD1 . ASN A 1 97  ? -10.201 -7.766  -11.241 1.00 38.98 ? 97  ASN A OD1 1 
ATOM   678 N ND2 . ASN A 1 97  ? -11.243 -7.181  -13.169 1.00 37.40 ? 97  ASN A ND2 1 
ATOM   679 N N   . LEU A 1 98  ? -8.249  -2.776  -11.225 1.00 31.72 ? 98  LEU A N   1 
ATOM   680 C CA  . LEU A 1 98  ? -7.315  -1.699  -11.515 1.00 30.24 ? 98  LEU A CA  1 
ATOM   681 C C   . LEU A 1 98  ? -6.909  -1.026  -10.213 1.00 30.07 ? 98  LEU A C   1 
ATOM   682 O O   . LEU A 1 98  ? -7.697  -0.914  -9.282  1.00 32.94 ? 98  LEU A O   1 
ATOM   683 C CB  . LEU A 1 98  ? -7.989  -0.703  -12.457 1.00 31.92 ? 98  LEU A CB  1 
ATOM   684 C CG  . LEU A 1 98  ? -7.171  0.477   -12.954 1.00 34.60 ? 98  LEU A CG  1 
ATOM   685 C CD1 . LEU A 1 98  ? -5.803  0.009   -13.451 1.00 37.37 ? 98  LEU A CD1 1 
ATOM   686 C CD2 . LEU A 1 98  ? -7.934  1.156   -14.052 1.00 34.42 ? 98  LEU A CD2 1 
ATOM   687 N N   . LEU A 1 99  ? -5.675  -0.574  -10.125 1.00 30.21 ? 99  LEU A N   1 
ATOM   688 C CA  . LEU A 1 99  ? -5.241  0.049   -8.886  1.00 29.58 ? 99  LEU A CA  1 
ATOM   689 C C   . LEU A 1 99  ? -4.100  1.025   -9.142  1.00 28.68 ? 99  LEU A C   1 
ATOM   690 O O   . LEU A 1 99  ? -3.177  0.718   -9.873  1.00 28.95 ? 99  LEU A O   1 
ATOM   691 C CB  . LEU A 1 99  ? -4.782  -1.050  -7.923  1.00 29.55 ? 99  LEU A CB  1 
ATOM   692 C CG  . LEU A 1 99  ? -4.687  -0.800  -6.418  1.00 31.09 ? 99  LEU A CG  1 
ATOM   693 C CD1 . LEU A 1 99  ? -6.095  -0.648  -5.863  1.00 32.96 ? 99  LEU A CD1 1 
ATOM   694 C CD2 . LEU A 1 99  ? -4.005  -1.982  -5.719  1.00 30.75 ? 99  LEU A CD2 1 
ATOM   695 N N   . THR A 1 100 ? -4.170  2.216   -8.581  1.00 27.28 ? 100 THR A N   1 
ATOM   696 C CA  . THR A 1 100 ? -3.064  3.132   -8.752  1.00 28.66 ? 100 THR A CA  1 
ATOM   697 C C   . THR A 1 100 ? -2.548  3.434   -7.360  1.00 28.47 ? 100 THR A C   1 
ATOM   698 O O   . THR A 1 100 ? -3.317  3.715   -6.442  1.00 27.43 ? 100 THR A O   1 
ATOM   699 C CB  . THR A 1 100 ? -3.447  4.449   -9.458  1.00 30.18 ? 100 THR A CB  1 
ATOM   700 O OG1 . THR A 1 100 ? -3.710  4.202   -10.845 1.00 30.04 ? 100 THR A OG1 1 
ATOM   701 C CG2 . THR A 1 100 ? -2.293  5.452   -9.344  1.00 27.26 ? 100 THR A CG2 1 
ATOM   702 N N   . ILE A 1 101 ? -1.233  3.395   -7.218  1.00 28.63 ? 101 ILE A N   1 
ATOM   703 C CA  . ILE A 1 101 ? -0.629  3.597   -5.927  1.00 28.59 ? 101 ILE A CA  1 
ATOM   704 C C   . ILE A 1 101 ? 0.592   4.485   -5.873  1.00 29.88 ? 101 ILE A C   1 
ATOM   705 O O   . ILE A 1 101 ? 1.542   4.254   -6.585  1.00 30.75 ? 101 ILE A O   1 
ATOM   706 C CB  . ILE A 1 101 ? -0.189  2.245   -5.337  1.00 26.99 ? 101 ILE A CB  1 
ATOM   707 C CG1 . ILE A 1 101 ? -1.187  1.133   -5.672  1.00 24.03 ? 101 ILE A CG1 1 
ATOM   708 C CG2 . ILE A 1 101 ? -0.081  2.375   -3.866  1.00 30.51 ? 101 ILE A CG2 1 
ATOM   709 C CD1 . ILE A 1 101 ? -0.957  -0.169  -4.881  1.00 19.91 ? 101 ILE A CD1 1 
ATOM   710 N N   . GLU A 1 102 ? 0.556   5.499   -5.019  1.00 33.35 ? 102 GLU A N   1 
ATOM   711 C CA  . GLU A 1 102 ? 1.716   6.355   -4.795  1.00 37.02 ? 102 GLU A CA  1 
ATOM   712 C C   . GLU A 1 102 ? 2.273   5.877   -3.427  1.00 39.16 ? 102 GLU A C   1 
ATOM   713 O O   . GLU A 1 102 ? 1.626   6.009   -2.386  1.00 36.79 ? 102 GLU A O   1 
ATOM   714 C CB  . GLU A 1 102 ? 1.313   7.828   -4.725  1.00 38.42 ? 102 GLU A CB  1 
ATOM   715 C CG  . GLU A 1 102 ? 2.458   8.762   -4.327  1.00 43.20 ? 102 GLU A CG  1 
ATOM   716 C CD  . GLU A 1 102 ? 2.134   10.248  -4.528  1.00 49.07 ? 102 GLU A CD  1 
ATOM   717 O OE1 . GLU A 1 102 ? 1.071   10.723  -4.050  1.00 50.94 ? 102 GLU A OE1 1 
ATOM   718 O OE2 . GLU A 1 102 ? 2.951   10.951  -5.166  1.00 51.23 ? 102 GLU A OE2 1 
ATOM   719 N N   . THR A 1 103 ? 3.468   5.304   -3.437  1.00 41.06 ? 103 THR A N   1 
ATOM   720 C CA  . THR A 1 103 ? 4.036   4.790   -2.201  1.00 45.03 ? 103 THR A CA  1 
ATOM   721 C C   . THR A 1 103 ? 5.086   5.654   -1.569  1.00 48.22 ? 103 THR A C   1 
ATOM   722 O O   . THR A 1 103 ? 5.262   6.807   -1.907  1.00 49.20 ? 103 THR A O   1 
ATOM   723 C CB  . THR A 1 103 ? 4.738   3.446   -2.391  1.00 44.11 ? 103 THR A CB  1 
ATOM   724 O OG1 . THR A 1 103 ? 6.015   3.685   -2.987  1.00 41.09 ? 103 THR A OG1 1 
ATOM   725 C CG2 . THR A 1 103 ? 3.927   2.510   -3.275  1.00 46.03 ? 103 THR A CG2 1 
ATOM   726 N N   . LEU A 1 104 ? 5.794   5.010   -0.648  1.00 53.13 ? 104 LEU A N   1 
ATOM   727 C CA  . LEU A 1 104 ? 6.910   5.551   0.133   1.00 55.52 ? 104 LEU A CA  1 
ATOM   728 C C   . LEU A 1 104 ? 7.621   4.349   0.783   1.00 56.01 ? 104 LEU A C   1 
ATOM   729 O O   . LEU A 1 104 ? 7.532   4.204   2.022   1.00 56.10 ? 104 LEU A O   1 
ATOM   730 C CB  . LEU A 1 104 ? 6.406   6.488   1.222   1.00 55.58 ? 104 LEU A CB  1 
ATOM   731 C CG  . LEU A 1 104 ? 5.956   7.850   0.738   1.00 56.29 ? 104 LEU A CG  1 
ATOM   732 C CD1 . LEU A 1 104 ? 5.289   8.610   1.901   1.00 56.70 ? 104 LEU A CD1 1 
ATOM   733 C CD2 . LEU A 1 104 ? 7.176   8.589   0.177   1.00 53.59 ? 104 LEU A CD2 1 
ATOM   734 O OXT . LEU A 1 104 ? 8.241   3.550   0.040   1.00 56.86 ? 104 LEU A OXT 1 
HETATM 735 O O   . HOH B 2 .   ? 10.623  3.366   7.493   1.00 48.10 ? 105 HOH A O   1 
HETATM 736 O O   . HOH B 2 .   ? 11.161  -1.860  7.536   1.00 45.59 ? 106 HOH A O   1 
HETATM 737 O O   . HOH B 2 .   ? -1.416  -1.832  19.572  1.00 23.10 ? 107 HOH A O   1 
HETATM 738 O O   . HOH B 2 .   ? -3.379  14.443  -0.267  1.00 32.29 ? 108 HOH A O   1 
HETATM 739 O O   . HOH B 2 .   ? -11.822 -1.081  11.400  1.00 34.27 ? 109 HOH A O   1 
HETATM 740 O O   . HOH B 2 .   ? -15.781 -6.063  -7.265  1.00 39.71 ? 110 HOH A O   1 
HETATM 741 O O   . HOH B 2 .   ? -13.409 2.559   -8.921  0.50 30.58 ? 111 HOH A O   1 
HETATM 742 O O   . HOH B 2 .   ? -11.622 3.506   -5.886  1.00 47.23 ? 112 HOH A O   1 
HETATM 743 O O   . HOH B 2 .   ? 7.976   11.765  11.341  1.00 39.98 ? 113 HOH A O   1 
HETATM 744 O O   . HOH B 2 .   ? 0.964   15.397  16.130  1.00 53.95 ? 114 HOH A O   1 
HETATM 745 O O   . HOH B 2 .   ? -8.128  -2.359  14.557  1.00 45.29 ? 115 HOH A O   1 
# 
